data_5VKT
#
_entry.id   5VKT
#
_cell.length_a   55.597
_cell.length_b   74.280
_cell.length_c   97.288
_cell.angle_alpha   90.00
_cell.angle_beta   96.74
_cell.angle_gamma   90.00
#
_symmetry.space_group_name_H-M   'P 1 21 1'
#
loop_
_entity.id
_entity.type
_entity.pdbx_description
1 polymer 'Cinnamyl alcohol dehydrogenases (SbCAD4)'
2 non-polymer 'ZINC ION'
3 non-polymer GLYCEROL
4 non-polymer 'FORMIC ACID'
5 non-polymer 'NADP NICOTINAMIDE-ADENINE-DINUCLEOTIDE PHOSPHATE'
6 non-polymer D-MALATE
7 non-polymer 'ACETATE ION'
8 water water
#
_entity_poly.entity_id   1
_entity_poly.type   'polypeptide(L)'
_entity_poly.pdbx_seq_one_letter_code
;MDMEQGCKTAHGWAARDASGHLSPYSFSARIQGDADVTIKVLFCGICHTDLHVIKNEWGNAMYPVVPGHEVVGVVTDVGH
GVTKFKAGDTVGVGYFVDSCRTCESCSTGHENYCPDLVLTSNGVDHHHHGATTKGGFSDVLVVSQDFVVRVPESLPLDGA
APLLCAGVTVYSPMAQYALNEPGKHLGVVGLGGLGHMAVKFAKAFGMTVTVISSSPGKRDEALGRLGADAFLVSHDAAQM
KAAAATLDGIIDTVSAGHQIVPLLALLKPMGQMVVVGAPSTPLELPAYAIITGGKRVAGNGVGSVADCQAMLDFAGEHGV
TADIEVVQMDYVNTAIERLEKNDVRYRFVIDVAGSKMEETVA
;
_entity_poly.pdbx_strand_id   A,B
#
loop_
_chem_comp.id
_chem_comp.type
_chem_comp.name
_chem_comp.formula
ACT non-polymer 'ACETATE ION' 'C2 H3 O2 -1'
FMT non-polymer 'FORMIC ACID' 'C H2 O2'
GOL non-polymer GLYCEROL 'C3 H8 O3'
MLT non-polymer D-MALATE 'C4 H6 O5'
NAP non-polymer 'NADP NICOTINAMIDE-ADENINE-DINUCLEOTIDE PHOSPHATE' 'C21 H28 N7 O17 P3'
ZN non-polymer 'ZINC ION' 'Zn 2'
#
# COMPACT_ATOMS: atom_id res chain seq x y z
N LYS A 8 -3.67 5.03 -4.12
CA LYS A 8 -3.84 5.25 -5.55
C LYS A 8 -2.80 4.49 -6.36
N THR A 9 -1.87 3.82 -5.66
CA THR A 9 -0.93 2.90 -6.28
C THR A 9 -1.31 1.48 -5.89
N ALA A 10 -1.47 0.62 -6.90
CA ALA A 10 -1.70 -0.80 -6.68
C ALA A 10 -0.47 -1.58 -7.10
N HIS A 11 -0.40 -2.83 -6.65
CA HIS A 11 0.81 -3.64 -6.82
C HIS A 11 0.44 -5.01 -7.36
N GLY A 12 1.00 -5.36 -8.51
CA GLY A 12 0.80 -6.66 -9.09
C GLY A 12 2.06 -7.19 -9.73
N TRP A 13 1.91 -8.24 -10.53
CA TRP A 13 2.99 -8.74 -11.36
C TRP A 13 2.55 -8.66 -12.82
N ALA A 14 3.46 -8.23 -13.69
CA ALA A 14 3.11 -7.89 -15.06
C ALA A 14 4.13 -8.46 -16.02
N ALA A 15 3.68 -8.70 -17.25
CA ALA A 15 4.57 -8.99 -18.37
C ALA A 15 4.86 -7.69 -19.12
N ARG A 16 6.11 -7.52 -19.54
CA ARG A 16 6.52 -6.34 -20.28
C ARG A 16 6.64 -6.59 -21.79
N ASP A 17 6.67 -7.84 -22.22
CA ASP A 17 6.88 -8.16 -23.62
C ASP A 17 6.43 -9.62 -23.86
N ALA A 18 6.58 -10.06 -25.10
CA ALA A 18 6.04 -11.34 -25.54
C ALA A 18 6.73 -12.54 -24.90
N SER A 19 7.83 -12.35 -24.17
CA SER A 19 8.35 -13.46 -23.39
C SER A 19 7.34 -13.94 -22.36
N GLY A 20 6.43 -13.05 -21.95
CA GLY A 20 5.48 -13.38 -20.91
C GLY A 20 6.08 -13.46 -19.52
N HIS A 21 7.33 -13.06 -19.36
CA HIS A 21 7.98 -13.11 -18.05
C HIS A 21 7.36 -12.09 -17.12
N LEU A 22 6.92 -12.56 -15.94
CA LEU A 22 6.20 -11.73 -14.99
C LEU A 22 7.12 -11.28 -13.87
N SER A 23 6.97 -10.03 -13.45
CA SER A 23 7.76 -9.48 -12.36
C SER A 23 6.96 -8.35 -11.72
N PRO A 24 7.31 -7.97 -10.49
CA PRO A 24 6.53 -6.94 -9.79
C PRO A 24 6.33 -5.68 -10.64
N TYR A 25 5.16 -5.07 -10.48
CA TYR A 25 4.78 -3.90 -11.26
C TYR A 25 3.86 -3.05 -10.39
N SER A 26 4.23 -1.80 -10.16
CA SER A 26 3.41 -0.84 -9.46
C SER A 26 2.79 0.12 -10.47
N PHE A 27 1.52 0.47 -10.24
CA PHE A 27 0.79 1.25 -11.23
C PHE A 27 -0.28 2.09 -10.55
N SER A 28 -0.63 3.19 -11.19
CA SER A 28 -1.69 4.06 -10.69
C SER A 28 -3.03 3.34 -10.77
N ALA A 29 -3.73 3.28 -9.63
CA ALA A 29 -4.97 2.52 -9.52
C ALA A 29 -6.17 3.46 -9.57
N ARG A 30 -7.27 2.94 -10.11
CA ARG A 30 -8.51 3.71 -10.16
C ARG A 30 -9.08 3.89 -8.76
N ILE A 31 -9.53 5.10 -8.47
CA ILE A 31 -10.10 5.40 -7.17
C ILE A 31 -11.53 4.88 -7.11
N GLN A 32 -11.95 4.48 -5.91
CA GLN A 32 -13.29 3.97 -5.70
C GLN A 32 -14.32 5.09 -5.88
N GLY A 33 -15.22 4.91 -6.84
CA GLY A 33 -16.31 5.83 -7.07
C GLY A 33 -17.56 5.44 -6.30
N ASP A 34 -18.64 6.18 -6.58
CA ASP A 34 -19.87 5.98 -5.81
C ASP A 34 -20.44 4.58 -5.99
N ALA A 35 -20.25 3.98 -7.16
CA ALA A 35 -20.83 2.66 -7.44
C ALA A 35 -19.79 1.54 -7.36
N ASP A 36 -18.60 1.82 -6.84
CA ASP A 36 -17.49 0.89 -6.90
C ASP A 36 -17.26 0.21 -5.56
N VAL A 37 -16.69 -1.00 -5.64
CA VAL A 37 -16.35 -1.82 -4.49
C VAL A 37 -14.85 -2.07 -4.50
N THR A 38 -14.21 -1.96 -3.34
CA THR A 38 -12.79 -2.22 -3.20
C THR A 38 -12.61 -3.63 -2.65
N ILE A 39 -11.77 -4.42 -3.33
CA ILE A 39 -11.65 -5.85 -3.05
C ILE A 39 -10.18 -6.15 -2.78
N LYS A 40 -9.90 -6.72 -1.62
CA LYS A 40 -8.58 -7.29 -1.35
C LYS A 40 -8.51 -8.67 -2.00
N VAL A 41 -7.59 -8.83 -2.94
CA VAL A 41 -7.50 -10.10 -3.68
C VAL A 41 -6.91 -11.15 -2.76
N LEU A 42 -7.62 -12.26 -2.60
CA LEU A 42 -7.16 -13.41 -1.84
C LEU A 42 -6.57 -14.49 -2.75
N PHE A 43 -7.30 -14.92 -3.77
CA PHE A 43 -6.85 -15.95 -4.68
C PHE A 43 -7.15 -15.54 -6.12
N CYS A 44 -6.31 -15.99 -7.04
CA CYS A 44 -6.56 -15.77 -8.47
C CYS A 44 -6.15 -17.01 -9.24
N GLY A 45 -7.08 -17.57 -10.00
CA GLY A 45 -6.74 -18.68 -10.89
C GLY A 45 -5.91 -18.20 -12.07
N ILE A 46 -5.14 -19.12 -12.62
CA ILE A 46 -4.40 -18.87 -13.86
C ILE A 46 -5.15 -19.55 -14.98
N CYS A 47 -5.70 -18.75 -15.90
CA CYS A 47 -6.44 -19.23 -17.06
C CYS A 47 -5.51 -19.21 -18.27
N HIS A 48 -5.72 -20.16 -19.19
CA HIS A 48 -4.86 -20.17 -20.37
C HIS A 48 -5.01 -18.88 -21.16
N THR A 49 -6.14 -18.19 -21.03
CA THR A 49 -6.29 -16.87 -21.65
C THR A 49 -5.19 -15.93 -21.17
N ASP A 50 -4.85 -15.99 -19.88
CA ASP A 50 -3.75 -15.16 -19.38
C ASP A 50 -2.46 -15.46 -20.13
N LEU A 51 -2.21 -16.74 -20.44
CA LEU A 51 -1.00 -17.13 -21.15
C LEU A 51 -1.04 -16.65 -22.60
N HIS A 52 -2.17 -16.84 -23.28
CA HIS A 52 -2.35 -16.27 -24.62
C HIS A 52 -2.03 -14.78 -24.63
N VAL A 53 -2.50 -14.04 -23.62
CA VAL A 53 -2.36 -12.59 -23.64
C VAL A 53 -0.92 -12.18 -23.39
N ILE A 54 -0.30 -12.70 -22.32
CA ILE A 54 1.03 -12.21 -21.96
C ILE A 54 2.08 -12.56 -23.02
N LYS A 55 1.85 -13.61 -23.81
CA LYS A 55 2.75 -13.96 -24.90
C LYS A 55 2.28 -13.39 -26.23
N ASN A 56 1.20 -12.59 -26.22
CA ASN A 56 0.71 -11.89 -27.40
C ASN A 56 0.38 -12.85 -28.54
N GLU A 57 -0.08 -14.05 -28.20
CA GLU A 57 -0.40 -15.05 -29.20
C GLU A 57 -1.60 -14.68 -30.05
N TRP A 58 -2.49 -13.83 -29.52
CA TRP A 58 -3.60 -13.27 -30.28
C TRP A 58 -3.28 -11.91 -30.87
N GLY A 59 -2.13 -11.34 -30.55
CA GLY A 59 -1.76 -10.03 -31.07
C GLY A 59 -2.45 -8.86 -30.43
N ASN A 60 -3.06 -9.02 -29.26
CA ASN A 60 -3.83 -7.95 -28.64
C ASN A 60 -3.28 -7.55 -27.25
N ALA A 61 -2.04 -7.92 -26.94
CA ALA A 61 -1.46 -7.53 -25.67
C ALA A 61 -1.11 -6.04 -25.66
N MET A 62 -1.45 -5.38 -24.56
CA MET A 62 -1.13 -3.97 -24.33
C MET A 62 -0.16 -3.91 -23.16
N TYR A 63 1.14 -4.02 -23.46
CA TYR A 63 2.15 -4.13 -22.42
C TYR A 63 2.35 -2.80 -21.71
N PRO A 64 2.62 -2.84 -20.39
CA PRO A 64 2.69 -4.03 -19.53
C PRO A 64 1.31 -4.61 -19.21
N VAL A 65 1.24 -5.94 -19.09
CA VAL A 65 -0.02 -6.65 -18.86
C VAL A 65 0.02 -7.22 -17.45
N VAL A 66 -0.98 -6.88 -16.64
CA VAL A 66 -1.20 -7.53 -15.35
C VAL A 66 -2.28 -8.59 -15.57
N PRO A 67 -1.94 -9.90 -15.56
CA PRO A 67 -2.95 -10.92 -15.83
C PRO A 67 -3.91 -11.12 -14.67
N GLY A 68 -4.85 -12.04 -14.85
CA GLY A 68 -5.68 -12.52 -13.75
C GLY A 68 -7.12 -12.10 -13.86
N HIS A 69 -8.02 -13.09 -13.96
CA HIS A 69 -9.46 -12.79 -14.04
C HIS A 69 -10.29 -13.93 -13.47
N GLU A 70 -9.74 -14.70 -12.53
CA GLU A 70 -10.46 -15.72 -11.77
C GLU A 70 -10.25 -15.41 -10.29
N VAL A 71 -10.89 -14.33 -9.82
CA VAL A 71 -10.52 -13.67 -8.57
C VAL A 71 -11.55 -13.99 -7.49
N VAL A 72 -11.05 -14.44 -6.34
CA VAL A 72 -11.82 -14.45 -5.10
C VAL A 72 -11.17 -13.47 -4.14
N GLY A 73 -11.98 -12.63 -3.51
CA GLY A 73 -11.46 -11.62 -2.61
C GLY A 73 -12.44 -11.26 -1.52
N VAL A 74 -12.09 -10.27 -0.71
CA VAL A 74 -12.95 -9.81 0.37
C VAL A 74 -13.12 -8.30 0.23
N VAL A 75 -14.36 -7.83 0.38
CA VAL A 75 -14.65 -6.42 0.28
C VAL A 75 -14.08 -5.70 1.49
N THR A 76 -13.30 -4.65 1.24
CA THR A 76 -12.76 -3.82 2.31
C THR A 76 -13.37 -2.42 2.36
N ASP A 77 -14.08 -2.00 1.33
CA ASP A 77 -14.68 -0.67 1.27
C ASP A 77 -15.64 -0.64 0.09
N VAL A 78 -16.68 0.19 0.20
CA VAL A 78 -17.67 0.36 -0.86
C VAL A 78 -17.98 1.84 -1.00
N GLY A 79 -18.37 2.24 -2.22
CA GLY A 79 -18.72 3.62 -2.48
C GLY A 79 -20.05 4.02 -1.86
N HIS A 80 -20.30 5.32 -1.88
CA HIS A 80 -21.49 5.88 -1.23
C HIS A 80 -22.78 5.37 -1.87
N GLY A 81 -22.73 4.98 -3.14
CA GLY A 81 -23.90 4.50 -3.84
C GLY A 81 -24.07 3.00 -3.87
N VAL A 82 -23.20 2.24 -3.18
CA VAL A 82 -23.21 0.79 -3.26
C VAL A 82 -24.24 0.24 -2.29
N THR A 83 -25.01 -0.74 -2.77
CA THR A 83 -26.00 -1.43 -1.95
C THR A 83 -25.93 -2.94 -2.04
N LYS A 84 -25.22 -3.49 -3.03
CA LYS A 84 -25.20 -4.94 -3.23
C LYS A 84 -24.15 -5.64 -2.36
N PHE A 85 -23.18 -4.90 -1.82
CA PHE A 85 -22.12 -5.50 -1.03
C PHE A 85 -21.75 -4.59 0.12
N LYS A 86 -21.08 -5.18 1.11
CA LYS A 86 -20.57 -4.45 2.25
C LYS A 86 -19.22 -5.03 2.64
N ALA A 87 -18.42 -4.24 3.34
CA ALA A 87 -17.11 -4.69 3.80
C ALA A 87 -17.22 -6.05 4.50
N GLY A 88 -16.28 -6.93 4.18
CA GLY A 88 -16.25 -8.27 4.74
C GLY A 88 -16.90 -9.33 3.88
N ASP A 89 -17.67 -8.94 2.86
CA ASP A 89 -18.28 -9.93 1.97
C ASP A 89 -17.22 -10.65 1.16
N THR A 90 -17.40 -11.96 1.00
CA THR A 90 -16.55 -12.76 0.13
C THR A 90 -17.14 -12.71 -1.27
N VAL A 91 -16.34 -12.28 -2.25
CA VAL A 91 -16.85 -11.94 -3.58
C VAL A 91 -15.90 -12.48 -4.64
N GLY A 92 -16.38 -12.49 -5.88
CA GLY A 92 -15.58 -12.93 -7.00
C GLY A 92 -15.67 -11.96 -8.16
N VAL A 93 -14.62 -11.96 -8.97
CA VAL A 93 -14.55 -11.17 -10.19
C VAL A 93 -14.06 -12.09 -11.30
N GLY A 94 -14.74 -12.06 -12.43
CA GLY A 94 -14.38 -12.91 -13.55
C GLY A 94 -13.73 -12.14 -14.69
N TYR A 95 -14.10 -12.51 -15.91
CA TYR A 95 -13.36 -12.09 -17.09
C TYR A 95 -13.55 -10.61 -17.42
N PHE A 96 -14.64 -9.97 -16.97
CA PHE A 96 -14.87 -8.56 -17.28
C PHE A 96 -15.38 -7.84 -16.05
N VAL A 97 -15.19 -6.51 -16.05
CA VAL A 97 -15.50 -5.67 -14.91
C VAL A 97 -16.47 -4.54 -15.24
N ASP A 98 -16.84 -4.36 -16.50
CA ASP A 98 -17.73 -3.28 -16.88
C ASP A 98 -18.22 -3.51 -18.31
N SER A 99 -19.26 -2.77 -18.68
CA SER A 99 -19.83 -2.80 -20.02
C SER A 99 -20.48 -1.45 -20.28
N CYS A 100 -21.05 -1.29 -21.48
CA CYS A 100 -21.64 0.01 -21.82
C CYS A 100 -22.92 0.26 -21.04
N ARG A 101 -23.65 -0.79 -20.68
CA ARG A 101 -24.84 -0.78 -19.82
C ARG A 101 -26.13 -0.46 -20.60
N THR A 102 -26.05 -0.07 -21.88
CA THR A 102 -27.22 0.41 -22.63
C THR A 102 -27.61 -0.44 -23.84
N CYS A 103 -26.66 -1.05 -24.53
CA CYS A 103 -26.96 -1.71 -25.80
C CYS A 103 -27.94 -2.86 -25.57
N GLU A 104 -28.42 -3.41 -26.70
CA GLU A 104 -29.38 -4.50 -26.64
C GLU A 104 -28.87 -5.64 -25.75
N SER A 105 -27.59 -5.99 -25.90
CA SER A 105 -27.02 -7.06 -25.08
C SER A 105 -27.02 -6.67 -23.61
N CYS A 106 -26.57 -5.45 -23.31
CA CYS A 106 -26.52 -5.00 -21.92
C CYS A 106 -27.91 -4.85 -21.32
N SER A 107 -28.91 -4.55 -22.14
CA SER A 107 -30.26 -4.30 -21.64
C SER A 107 -31.07 -5.58 -21.49
N THR A 108 -30.70 -6.66 -22.17
CA THR A 108 -31.42 -7.93 -22.07
C THR A 108 -30.66 -8.95 -21.24
N GLY A 109 -29.71 -8.51 -20.41
CA GLY A 109 -29.00 -9.42 -19.54
C GLY A 109 -27.93 -10.24 -20.22
N HIS A 110 -27.30 -9.70 -21.25
CA HIS A 110 -26.22 -10.39 -21.96
C HIS A 110 -25.01 -9.47 -22.09
N GLU A 111 -24.71 -8.74 -21.00
CA GLU A 111 -23.61 -7.79 -21.03
C GLU A 111 -22.29 -8.42 -21.44
N ASN A 112 -22.16 -9.73 -21.29
CA ASN A 112 -20.93 -10.40 -21.67
C ASN A 112 -20.68 -10.35 -23.18
N TYR A 113 -21.71 -10.03 -23.98
CA TYR A 113 -21.56 -9.86 -25.42
C TYR A 113 -21.65 -8.39 -25.82
N CYS A 114 -21.45 -7.48 -24.87
CA CYS A 114 -21.41 -6.05 -25.18
C CYS A 114 -20.20 -5.73 -26.06
N PRO A 115 -20.37 -4.93 -27.12
CA PRO A 115 -19.20 -4.60 -27.97
C PRO A 115 -18.19 -3.68 -27.29
N ASP A 116 -18.57 -3.01 -26.20
CA ASP A 116 -17.66 -2.18 -25.44
C ASP A 116 -17.33 -2.81 -24.09
N LEU A 117 -17.28 -4.15 -24.05
CA LEU A 117 -16.94 -4.86 -22.83
C LEU A 117 -15.59 -4.41 -22.30
N VAL A 118 -15.50 -4.24 -20.98
CA VAL A 118 -14.26 -3.88 -20.30
C VAL A 118 -13.72 -5.14 -19.64
N LEU A 119 -12.66 -5.70 -20.23
CA LEU A 119 -12.05 -6.90 -19.67
C LEU A 119 -11.38 -6.61 -18.34
N THR A 120 -11.37 -7.62 -17.46
CA THR A 120 -10.72 -7.49 -16.17
C THR A 120 -9.22 -7.28 -16.31
N SER A 121 -8.60 -7.99 -17.25
CA SER A 121 -7.17 -7.91 -17.50
C SER A 121 -6.95 -7.59 -18.97
N ASN A 122 -6.12 -6.58 -19.24
CA ASN A 122 -5.80 -6.21 -20.62
C ASN A 122 -7.03 -5.68 -21.35
N GLY A 123 -7.94 -5.06 -20.61
CA GLY A 123 -9.10 -4.42 -21.19
C GLY A 123 -8.89 -2.93 -21.34
N VAL A 124 -9.85 -2.28 -22.00
CA VAL A 124 -9.84 -0.84 -22.23
C VAL A 124 -10.97 -0.26 -21.40
N ASP A 125 -10.61 0.52 -20.38
CA ASP A 125 -11.57 1.05 -19.42
C ASP A 125 -12.23 2.28 -20.04
N HIS A 126 -13.29 2.03 -20.81
CA HIS A 126 -13.92 3.11 -21.57
C HIS A 126 -14.48 4.19 -20.66
N HIS A 127 -15.00 3.80 -19.49
CA HIS A 127 -15.59 4.76 -18.58
C HIS A 127 -14.56 5.51 -17.74
N HIS A 128 -13.27 5.28 -17.96
CA HIS A 128 -12.22 5.93 -17.19
C HIS A 128 -11.01 6.20 -18.09
N HIS A 129 -11.25 6.94 -19.17
CA HIS A 129 -10.18 7.49 -20.01
C HIS A 129 -9.42 6.42 -20.78
N GLY A 130 -10.07 5.28 -21.05
CA GLY A 130 -9.46 4.24 -21.86
C GLY A 130 -8.16 3.67 -21.33
N ALA A 131 -7.90 3.80 -20.03
CA ALA A 131 -6.72 3.19 -19.45
C ALA A 131 -6.82 1.67 -19.51
N THR A 132 -5.68 1.00 -19.56
CA THR A 132 -5.68 -0.46 -19.58
C THR A 132 -6.02 -0.98 -18.18
N THR A 133 -6.77 -2.07 -18.14
CA THR A 133 -7.15 -2.67 -16.87
C THR A 133 -6.11 -3.68 -16.42
N LYS A 134 -5.88 -3.73 -15.11
CA LYS A 134 -4.93 -4.62 -14.49
C LYS A 134 -5.69 -5.67 -13.71
N GLY A 135 -5.35 -6.94 -13.95
CA GLY A 135 -6.12 -8.05 -13.45
C GLY A 135 -5.75 -8.45 -12.03
N GLY A 136 -6.23 -9.64 -11.66
CA GLY A 136 -6.16 -10.16 -10.31
C GLY A 136 -4.81 -10.66 -9.86
N PHE A 137 -3.77 -10.60 -10.71
CA PHE A 137 -2.40 -10.84 -10.24
C PHE A 137 -1.93 -9.58 -9.52
N SER A 138 -2.71 -9.08 -8.57
CA SER A 138 -2.43 -7.82 -7.90
C SER A 138 -3.14 -7.82 -6.56
N ASP A 139 -2.80 -6.84 -5.73
CA ASP A 139 -3.24 -6.90 -4.34
C ASP A 139 -4.65 -6.38 -4.14
N VAL A 140 -5.06 -5.32 -4.87
CA VAL A 140 -6.35 -4.67 -4.62
C VAL A 140 -7.01 -4.33 -5.95
N LEU A 141 -8.31 -4.64 -6.06
CA LEU A 141 -9.12 -4.32 -7.22
C LEU A 141 -10.24 -3.35 -6.83
N VAL A 142 -10.61 -2.50 -7.78
CA VAL A 142 -11.75 -1.59 -7.64
C VAL A 142 -12.70 -1.88 -8.79
N VAL A 143 -13.90 -2.35 -8.47
CA VAL A 143 -14.82 -2.89 -9.47
C VAL A 143 -16.23 -2.37 -9.21
N SER A 144 -16.94 -2.05 -10.29
CA SER A 144 -18.35 -1.70 -10.20
C SER A 144 -19.15 -2.78 -9.48
N GLN A 145 -20.03 -2.36 -8.57
CA GLN A 145 -20.84 -3.31 -7.81
C GLN A 145 -21.68 -4.20 -8.72
N ASP A 146 -21.93 -3.78 -9.96
CA ASP A 146 -22.79 -4.53 -10.87
C ASP A 146 -22.05 -5.64 -11.59
N PHE A 147 -20.74 -5.81 -11.33
CA PHE A 147 -19.95 -6.82 -12.01
C PHE A 147 -19.18 -7.68 -11.00
N VAL A 148 -19.62 -7.67 -9.75
CA VAL A 148 -19.07 -8.51 -8.70
C VAL A 148 -20.13 -9.54 -8.32
N VAL A 149 -19.68 -10.76 -8.01
CA VAL A 149 -20.58 -11.83 -7.59
C VAL A 149 -20.24 -12.24 -6.16
N ARG A 150 -21.21 -12.89 -5.51
CA ARG A 150 -21.07 -13.37 -4.14
C ARG A 150 -20.66 -14.84 -4.16
N VAL A 151 -19.62 -15.18 -3.41
CA VAL A 151 -19.16 -16.56 -3.30
C VAL A 151 -19.91 -17.23 -2.16
N PRO A 152 -20.66 -18.31 -2.43
CA PRO A 152 -21.33 -19.02 -1.34
C PRO A 152 -20.34 -19.43 -0.25
N GLU A 153 -20.76 -19.29 1.01
CA GLU A 153 -19.89 -19.63 2.12
C GLU A 153 -19.52 -21.11 2.14
N SER A 154 -20.33 -21.97 1.52
CA SER A 154 -20.02 -23.40 1.51
C SER A 154 -18.83 -23.73 0.61
N LEU A 155 -18.35 -22.79 -0.21
CA LEU A 155 -17.25 -23.11 -1.11
C LEU A 155 -15.91 -22.72 -0.51
N PRO A 156 -14.87 -23.54 -0.68
CA PRO A 156 -13.53 -23.08 -0.32
C PRO A 156 -13.09 -21.94 -1.24
N LEU A 157 -12.43 -20.94 -0.66
CA LEU A 157 -12.11 -19.74 -1.43
C LEU A 157 -11.11 -20.03 -2.54
N ASP A 158 -10.18 -20.96 -2.32
CA ASP A 158 -9.19 -21.25 -3.35
C ASP A 158 -9.75 -22.15 -4.43
N GLY A 159 -10.53 -23.17 -4.06
CA GLY A 159 -11.14 -24.05 -5.04
C GLY A 159 -12.26 -23.39 -5.83
N ALA A 160 -12.81 -22.28 -5.34
CA ALA A 160 -13.85 -21.56 -6.05
C ALA A 160 -13.32 -20.57 -7.08
N ALA A 161 -12.05 -20.18 -6.96
CA ALA A 161 -11.53 -19.11 -7.83
C ALA A 161 -11.63 -19.46 -9.31
N PRO A 162 -11.26 -20.67 -9.77
CA PRO A 162 -11.39 -20.97 -11.20
C PRO A 162 -12.83 -21.03 -11.69
N LEU A 163 -13.81 -21.09 -10.79
CA LEU A 163 -15.20 -21.07 -11.25
C LEU A 163 -15.55 -19.77 -11.95
N LEU A 164 -14.86 -18.68 -11.60
CA LEU A 164 -15.21 -17.36 -12.11
C LEU A 164 -14.98 -17.23 -13.60
N CYS A 165 -14.19 -18.11 -14.21
CA CYS A 165 -14.05 -18.11 -15.67
C CYS A 165 -14.20 -19.52 -16.23
N ALA A 166 -13.31 -20.43 -15.81
CA ALA A 166 -13.43 -21.82 -16.27
C ALA A 166 -14.82 -22.37 -16.01
N GLY A 167 -15.36 -22.14 -14.80
CA GLY A 167 -16.63 -22.74 -14.43
C GLY A 167 -17.80 -22.16 -15.21
N VAL A 168 -17.93 -20.84 -15.22
CA VAL A 168 -19.08 -20.22 -15.88
C VAL A 168 -19.02 -20.47 -17.39
N THR A 169 -17.82 -20.55 -17.96
CA THR A 169 -17.70 -20.72 -19.40
C THR A 169 -18.26 -22.05 -19.88
N VAL A 170 -18.21 -23.09 -19.04
CA VAL A 170 -18.72 -24.40 -19.44
C VAL A 170 -20.12 -24.61 -18.91
N TYR A 171 -20.42 -24.02 -17.74
CA TYR A 171 -21.75 -24.16 -17.15
C TYR A 171 -22.81 -23.50 -18.02
N SER A 172 -22.54 -22.28 -18.48
CA SER A 172 -23.54 -21.52 -19.22
C SER A 172 -24.02 -22.25 -20.47
N PRO A 173 -23.16 -22.75 -21.36
CA PRO A 173 -23.67 -23.47 -22.54
C PRO A 173 -24.41 -24.75 -22.19
N MET A 174 -24.03 -25.44 -21.11
CA MET A 174 -24.78 -26.63 -20.72
C MET A 174 -26.24 -26.29 -20.45
N ALA A 175 -26.49 -25.16 -19.80
CA ALA A 175 -27.86 -24.72 -19.57
C ALA A 175 -28.50 -24.22 -20.87
N GLN A 176 -27.76 -23.44 -21.64
CA GLN A 176 -28.31 -22.84 -22.86
C GLN A 176 -28.83 -23.91 -23.83
N TYR A 177 -28.03 -24.96 -24.06
CA TYR A 177 -28.32 -25.95 -25.08
C TYR A 177 -28.92 -27.23 -24.51
N ALA A 178 -29.49 -27.16 -23.30
CA ALA A 178 -30.14 -28.31 -22.68
C ALA A 178 -29.20 -29.51 -22.59
N LEU A 179 -27.91 -29.24 -22.44
CA LEU A 179 -26.92 -30.28 -22.18
C LEU A 179 -26.63 -30.34 -20.68
N ASN A 180 -27.70 -30.59 -19.93
CA ASN A 180 -27.66 -30.56 -18.48
C ASN A 180 -28.70 -31.47 -17.87
N GLU A 181 -29.06 -32.55 -18.57
CA GLU A 181 -30.12 -33.45 -18.15
C GLU A 181 -29.58 -34.87 -17.99
N PRO A 182 -30.04 -35.62 -17.01
CA PRO A 182 -29.65 -37.03 -16.91
C PRO A 182 -29.96 -37.77 -18.21
N GLY A 183 -29.06 -38.68 -18.59
CA GLY A 183 -29.24 -39.50 -19.75
C GLY A 183 -28.53 -38.97 -20.99
N LYS A 184 -28.35 -37.65 -21.09
CA LYS A 184 -27.68 -37.10 -22.26
C LYS A 184 -26.19 -37.38 -22.19
N HIS A 185 -25.60 -37.57 -23.36
CA HIS A 185 -24.19 -37.93 -23.49
CA HIS A 185 -24.20 -37.95 -23.51
C HIS A 185 -23.40 -36.73 -23.98
N LEU A 186 -22.47 -36.27 -23.14
CA LEU A 186 -21.66 -35.11 -23.43
C LEU A 186 -20.20 -35.51 -23.65
N GLY A 187 -19.58 -34.96 -24.69
CA GLY A 187 -18.15 -35.05 -24.88
C GLY A 187 -17.46 -33.78 -24.40
N VAL A 188 -16.28 -33.96 -23.81
CA VAL A 188 -15.44 -32.84 -23.38
C VAL A 188 -14.08 -33.05 -24.01
N VAL A 189 -13.64 -32.08 -24.80
CA VAL A 189 -12.36 -32.16 -25.53
C VAL A 189 -11.35 -31.28 -24.81
N GLY A 190 -10.23 -31.88 -24.42
CA GLY A 190 -9.21 -31.15 -23.70
C GLY A 190 -9.46 -31.15 -22.21
N LEU A 191 -8.84 -32.08 -21.50
CA LEU A 191 -9.04 -32.20 -20.06
C LEU A 191 -8.02 -31.30 -19.34
N GLY A 192 -8.29 -30.00 -19.44
CA GLY A 192 -7.51 -29.00 -18.74
C GLY A 192 -8.36 -28.25 -17.74
N GLY A 193 -8.08 -26.96 -17.57
CA GLY A 193 -8.85 -26.15 -16.65
C GLY A 193 -10.33 -26.14 -16.95
N LEU A 194 -10.71 -25.64 -18.12
CA LEU A 194 -12.12 -25.65 -18.51
C LEU A 194 -12.65 -27.07 -18.62
N GLY A 195 -11.88 -27.96 -19.25
CA GLY A 195 -12.35 -29.32 -19.48
C GLY A 195 -12.73 -30.04 -18.19
N HIS A 196 -11.87 -29.97 -17.18
CA HIS A 196 -12.18 -30.72 -15.97
C HIS A 196 -13.38 -30.12 -15.24
N MET A 197 -13.62 -28.82 -15.38
CA MET A 197 -14.83 -28.23 -14.84
C MET A 197 -16.06 -28.72 -15.60
N ALA A 198 -15.95 -28.86 -16.93
CA ALA A 198 -17.07 -29.38 -17.70
C ALA A 198 -17.44 -30.79 -17.24
N VAL A 199 -16.43 -31.64 -17.02
CA VAL A 199 -16.71 -32.99 -16.53
C VAL A 199 -17.42 -32.92 -15.17
N LYS A 200 -16.91 -32.08 -14.28
CA LYS A 200 -17.49 -31.95 -12.94
C LYS A 200 -18.95 -31.52 -13.00
N PHE A 201 -19.24 -30.47 -13.76
CA PHE A 201 -20.61 -29.98 -13.85
C PHE A 201 -21.50 -30.98 -14.57
N ALA A 202 -20.98 -31.62 -15.62
CA ALA A 202 -21.78 -32.59 -16.36
C ALA A 202 -22.15 -33.77 -15.49
N LYS A 203 -21.20 -34.30 -14.71
CA LYS A 203 -21.52 -35.40 -13.82
C LYS A 203 -22.46 -34.97 -12.70
N ALA A 204 -22.32 -33.74 -12.22
CA ALA A 204 -23.26 -33.22 -11.23
C ALA A 204 -24.67 -33.11 -11.80
N PHE A 205 -24.79 -32.87 -13.11
CA PHE A 205 -26.08 -32.89 -13.78
C PHE A 205 -26.60 -34.29 -14.03
N GLY A 206 -25.79 -35.32 -13.80
CA GLY A 206 -26.20 -36.67 -14.07
C GLY A 206 -26.02 -37.12 -15.50
N MET A 207 -25.20 -36.41 -16.27
CA MET A 207 -24.95 -36.76 -17.66
C MET A 207 -23.91 -37.86 -17.77
N THR A 208 -23.89 -38.52 -18.92
CA THR A 208 -22.83 -39.44 -19.29
C THR A 208 -21.76 -38.66 -20.05
N VAL A 209 -20.50 -38.77 -19.61
CA VAL A 209 -19.42 -37.92 -20.09
C VAL A 209 -18.34 -38.78 -20.71
N THR A 210 -17.97 -38.44 -21.95
CA THR A 210 -16.77 -38.95 -22.59
C THR A 210 -15.74 -37.84 -22.66
N VAL A 211 -14.54 -38.12 -22.17
CA VAL A 211 -13.41 -37.21 -22.29
C VAL A 211 -12.63 -37.56 -23.55
N ILE A 212 -12.35 -36.55 -24.36
CA ILE A 212 -11.51 -36.69 -25.55
C ILE A 212 -10.22 -35.92 -25.29
N SER A 213 -9.10 -36.63 -25.31
CA SER A 213 -7.84 -36.06 -24.83
C SER A 213 -6.69 -36.48 -25.74
N SER A 214 -5.68 -35.62 -25.79
CA SER A 214 -4.42 -35.95 -26.44
C SER A 214 -3.40 -36.53 -25.47
N SER A 215 -3.77 -36.68 -24.20
CA SER A 215 -2.83 -37.06 -23.14
C SER A 215 -3.27 -38.40 -22.55
N PRO A 216 -2.74 -39.52 -23.05
CA PRO A 216 -3.11 -40.82 -22.48
C PRO A 216 -2.92 -40.89 -20.97
N GLY A 217 -1.94 -40.17 -20.43
CA GLY A 217 -1.66 -40.20 -19.01
C GLY A 217 -2.75 -39.62 -18.13
N LYS A 218 -3.72 -38.91 -18.71
CA LYS A 218 -4.84 -38.38 -17.94
C LYS A 218 -5.98 -39.39 -17.79
N ARG A 219 -5.86 -40.58 -18.38
N ARG A 219 -5.84 -40.58 -18.38
CA ARG A 219 -6.98 -41.52 -18.40
CA ARG A 219 -6.94 -41.55 -18.41
C ARG A 219 -7.41 -41.90 -16.99
C ARG A 219 -7.40 -41.93 -17.01
N ASP A 220 -6.46 -42.25 -16.13
CA ASP A 220 -6.80 -42.77 -14.80
C ASP A 220 -7.61 -41.75 -13.99
N GLU A 221 -7.13 -40.51 -13.92
CA GLU A 221 -7.87 -39.49 -13.16
C GLU A 221 -9.20 -39.15 -13.82
N ALA A 222 -9.24 -39.15 -15.16
CA ALA A 222 -10.48 -38.86 -15.85
C ALA A 222 -11.57 -39.85 -15.49
N LEU A 223 -11.24 -41.14 -15.49
CA LEU A 223 -12.22 -42.19 -15.23
C LEU A 223 -12.41 -42.48 -13.74
N GLY A 224 -11.49 -42.02 -12.89
CA GLY A 224 -11.54 -42.28 -11.47
C GLY A 224 -11.97 -41.04 -10.72
N ARG A 225 -10.99 -40.24 -10.26
CA ARG A 225 -11.26 -39.01 -9.55
C ARG A 225 -12.41 -38.20 -10.16
N LEU A 226 -12.36 -37.95 -11.46
CA LEU A 226 -13.34 -37.08 -12.08
C LEU A 226 -14.64 -37.79 -12.44
N GLY A 227 -14.63 -39.11 -12.55
CA GLY A 227 -15.85 -39.84 -12.76
C GLY A 227 -16.39 -39.83 -14.18
N ALA A 228 -15.58 -39.48 -15.16
CA ALA A 228 -16.01 -39.58 -16.55
C ALA A 228 -16.35 -41.03 -16.87
N ASP A 229 -17.28 -41.22 -17.80
CA ASP A 229 -17.72 -42.56 -18.16
C ASP A 229 -16.83 -43.21 -19.22
N ALA A 230 -16.18 -42.40 -20.06
CA ALA A 230 -15.30 -42.93 -21.09
C ALA A 230 -14.18 -41.93 -21.34
N PHE A 231 -13.09 -42.44 -21.92
CA PHE A 231 -11.90 -41.66 -22.21
C PHE A 231 -11.38 -42.07 -23.58
N LEU A 232 -11.37 -41.13 -24.53
CA LEU A 232 -10.91 -41.38 -25.88
C LEU A 232 -9.62 -40.61 -26.13
N VAL A 233 -8.60 -41.30 -26.63
CA VAL A 233 -7.39 -40.64 -27.11
C VAL A 233 -7.62 -40.18 -28.54
N SER A 234 -7.53 -38.86 -28.76
CA SER A 234 -7.97 -38.30 -30.04
C SER A 234 -7.09 -38.72 -31.21
N HIS A 235 -5.83 -39.07 -30.96
CA HIS A 235 -4.95 -39.54 -32.03
C HIS A 235 -4.97 -41.06 -32.17
N ASP A 236 -5.97 -41.72 -31.59
CA ASP A 236 -6.18 -43.16 -31.76
C ASP A 236 -7.40 -43.33 -32.66
N ALA A 237 -7.15 -43.55 -33.95
CA ALA A 237 -8.24 -43.59 -34.92
C ALA A 237 -9.27 -44.66 -34.57
N ALA A 238 -8.82 -45.79 -34.01
CA ALA A 238 -9.74 -46.87 -33.69
C ALA A 238 -10.71 -46.47 -32.59
N GLN A 239 -10.19 -45.88 -31.50
CA GLN A 239 -11.07 -45.46 -30.41
C GLN A 239 -12.07 -44.41 -30.90
N MET A 240 -11.61 -43.44 -31.69
CA MET A 240 -12.50 -42.38 -32.15
C MET A 240 -13.59 -42.93 -33.05
N LYS A 241 -13.21 -43.78 -34.01
CA LYS A 241 -14.18 -44.35 -34.95
C LYS A 241 -15.26 -45.13 -34.20
N ALA A 242 -14.87 -45.85 -33.15
CA ALA A 242 -15.83 -46.64 -32.39
C ALA A 242 -16.89 -45.78 -31.73
N ALA A 243 -16.60 -44.51 -31.46
CA ALA A 243 -17.53 -43.61 -30.77
C ALA A 243 -18.28 -42.69 -31.72
N ALA A 244 -18.23 -42.95 -33.03
CA ALA A 244 -18.92 -42.10 -34.00
C ALA A 244 -20.40 -42.00 -33.68
N ALA A 245 -20.92 -40.78 -33.78
CA ALA A 245 -22.36 -40.53 -33.71
C ALA A 245 -22.98 -41.05 -32.42
N THR A 246 -22.32 -40.80 -31.29
CA THR A 246 -22.81 -41.24 -29.99
C THR A 246 -23.13 -40.10 -29.04
N LEU A 247 -22.76 -38.87 -29.34
CA LEU A 247 -22.85 -37.77 -28.39
C LEU A 247 -23.98 -36.82 -28.76
N ASP A 248 -24.71 -36.35 -27.73
CA ASP A 248 -25.69 -35.30 -27.91
C ASP A 248 -25.03 -33.93 -28.02
N GLY A 249 -23.88 -33.75 -27.37
CA GLY A 249 -23.19 -32.48 -27.39
C GLY A 249 -21.72 -32.70 -27.11
N ILE A 250 -20.93 -31.68 -27.44
CA ILE A 250 -19.49 -31.75 -27.21
C ILE A 250 -18.99 -30.35 -26.90
N ILE A 251 -18.22 -30.21 -25.83
CA ILE A 251 -17.61 -28.95 -25.44
C ILE A 251 -16.13 -29.04 -25.76
N ASP A 252 -15.67 -28.16 -26.63
CA ASP A 252 -14.29 -28.17 -27.13
C ASP A 252 -13.52 -27.04 -26.43
N THR A 253 -12.55 -27.41 -25.58
CA THR A 253 -11.78 -26.44 -24.82
C THR A 253 -10.34 -26.33 -25.30
N VAL A 254 -9.99 -26.96 -26.43
CA VAL A 254 -8.60 -27.06 -26.83
C VAL A 254 -8.04 -25.68 -27.13
N SER A 255 -6.86 -25.40 -26.59
CA SER A 255 -6.22 -24.09 -26.72
C SER A 255 -5.27 -23.98 -27.91
N ALA A 256 -4.95 -25.10 -28.56
CA ALA A 256 -4.08 -25.10 -29.72
C ALA A 256 -4.88 -25.35 -30.99
N GLY A 257 -4.27 -25.04 -32.13
CA GLY A 257 -4.88 -25.38 -33.39
C GLY A 257 -5.15 -26.87 -33.46
N HIS A 258 -6.33 -27.23 -34.00
CA HIS A 258 -6.74 -28.63 -34.04
C HIS A 258 -7.85 -28.79 -35.06
N GLN A 259 -8.05 -30.04 -35.49
CA GLN A 259 -9.10 -30.40 -36.41
C GLN A 259 -10.40 -30.65 -35.66
N ILE A 260 -11.50 -30.09 -36.15
CA ILE A 260 -12.80 -30.30 -35.53
C ILE A 260 -13.64 -31.34 -36.25
N VAL A 261 -13.28 -31.73 -37.48
CA VAL A 261 -14.04 -32.75 -38.19
C VAL A 261 -14.13 -34.05 -37.39
N PRO A 262 -13.06 -34.56 -36.79
CA PRO A 262 -13.19 -35.77 -35.97
C PRO A 262 -14.07 -35.57 -34.76
N LEU A 263 -14.12 -34.35 -34.21
CA LEU A 263 -14.97 -34.07 -33.07
C LEU A 263 -16.44 -34.03 -33.49
N LEU A 264 -16.74 -33.39 -34.62
CA LEU A 264 -18.10 -33.40 -35.14
C LEU A 264 -18.55 -34.82 -35.46
N ALA A 265 -17.63 -35.68 -35.87
CA ALA A 265 -17.98 -37.07 -36.18
C ALA A 265 -18.51 -37.82 -34.95
N LEU A 266 -18.16 -37.38 -33.74
CA LEU A 266 -18.66 -38.02 -32.54
C LEU A 266 -20.10 -37.64 -32.24
N LEU A 267 -20.58 -36.55 -32.80
CA LEU A 267 -21.94 -36.08 -32.54
C LEU A 267 -22.97 -36.90 -33.31
N LYS A 268 -24.10 -37.14 -32.66
CA LYS A 268 -25.25 -37.66 -33.36
C LYS A 268 -25.77 -36.60 -34.32
N PRO A 269 -26.58 -37.00 -35.31
CA PRO A 269 -27.26 -36.00 -36.13
C PRO A 269 -27.98 -34.99 -35.26
N MET A 270 -27.89 -33.72 -35.66
CA MET A 270 -28.48 -32.60 -34.94
C MET A 270 -27.77 -32.31 -33.62
N GLY A 271 -26.64 -32.96 -33.35
CA GLY A 271 -25.90 -32.70 -32.13
C GLY A 271 -25.29 -31.32 -32.11
N GLN A 272 -24.89 -30.89 -30.92
CA GLN A 272 -24.45 -29.51 -30.69
C GLN A 272 -23.00 -29.49 -30.23
N MET A 273 -22.14 -28.83 -30.99
CA MET A 273 -20.77 -28.57 -30.58
CA MET A 273 -20.77 -28.57 -30.58
C MET A 273 -20.68 -27.15 -30.01
N VAL A 274 -20.04 -27.03 -28.86
CA VAL A 274 -19.82 -25.74 -28.22
C VAL A 274 -18.32 -25.48 -28.19
N VAL A 275 -17.88 -24.45 -28.90
CA VAL A 275 -16.47 -24.06 -28.92
C VAL A 275 -16.24 -23.01 -27.84
N VAL A 276 -15.38 -23.34 -26.88
CA VAL A 276 -14.94 -22.36 -25.89
C VAL A 276 -13.43 -22.17 -25.90
N GLY A 277 -12.64 -23.14 -26.36
CA GLY A 277 -11.23 -22.90 -26.59
C GLY A 277 -11.01 -21.87 -27.69
N ALA A 278 -9.93 -21.11 -27.56
CA ALA A 278 -9.71 -19.94 -28.41
C ALA A 278 -8.31 -19.96 -29.00
N PRO A 279 -7.99 -20.97 -29.81
CA PRO A 279 -6.68 -20.99 -30.48
C PRO A 279 -6.55 -19.86 -31.48
N SER A 280 -5.30 -19.50 -31.76
CA SER A 280 -5.04 -18.42 -32.71
C SER A 280 -5.27 -18.88 -34.15
N THR A 281 -5.02 -20.16 -34.44
CA THR A 281 -5.22 -20.67 -35.79
C THR A 281 -6.71 -20.94 -36.04
N PRO A 282 -7.29 -20.38 -37.11
CA PRO A 282 -8.73 -20.60 -37.35
C PRO A 282 -9.08 -22.08 -37.48
N LEU A 283 -10.27 -22.42 -37.01
CA LEU A 283 -10.79 -23.76 -37.19
C LEU A 283 -11.20 -23.97 -38.64
N GLU A 284 -10.93 -25.16 -39.17
CA GLU A 284 -11.28 -25.51 -40.53
C GLU A 284 -12.55 -26.34 -40.50
N LEU A 285 -13.62 -25.80 -41.09
CA LEU A 285 -14.93 -26.46 -41.06
C LEU A 285 -15.39 -26.74 -42.48
N PRO A 286 -15.20 -27.96 -42.98
CA PRO A 286 -15.84 -28.33 -44.25
C PRO A 286 -17.35 -28.30 -44.10
N ALA A 287 -18.02 -27.69 -45.08
CA ALA A 287 -19.47 -27.54 -45.00
C ALA A 287 -20.17 -28.88 -44.80
N TYR A 288 -19.70 -29.93 -45.48
CA TYR A 288 -20.36 -31.23 -45.38
C TYR A 288 -20.39 -31.74 -43.93
N ALA A 289 -19.41 -31.34 -43.12
CA ALA A 289 -19.31 -31.87 -41.75
C ALA A 289 -20.43 -31.38 -40.85
N ILE A 290 -21.14 -30.32 -41.24
CA ILE A 290 -22.34 -29.90 -40.53
C ILE A 290 -23.60 -30.10 -41.37
N ILE A 291 -23.51 -30.03 -42.69
CA ILE A 291 -24.70 -30.20 -43.52
C ILE A 291 -25.24 -31.63 -43.41
N THR A 292 -24.35 -32.62 -43.51
CA THR A 292 -24.78 -34.00 -43.72
C THR A 292 -25.76 -34.46 -42.65
N GLY A 293 -25.41 -34.26 -41.38
CA GLY A 293 -26.26 -34.67 -40.28
C GLY A 293 -26.91 -33.51 -39.56
N GLY A 294 -26.97 -32.35 -40.20
CA GLY A 294 -27.63 -31.21 -39.59
C GLY A 294 -27.03 -30.81 -38.26
N LYS A 295 -25.70 -30.82 -38.17
CA LYS A 295 -25.04 -30.55 -36.90
C LYS A 295 -24.85 -29.06 -36.68
N ARG A 296 -24.59 -28.70 -35.43
CA ARG A 296 -24.61 -27.32 -34.97
C ARG A 296 -23.31 -27.00 -34.25
N VAL A 297 -22.75 -25.84 -34.55
CA VAL A 297 -21.56 -25.33 -33.88
C VAL A 297 -21.91 -23.96 -33.31
N ALA A 298 -21.58 -23.74 -32.04
CA ALA A 298 -21.80 -22.46 -31.39
C ALA A 298 -20.59 -22.11 -30.57
N GLY A 299 -20.29 -20.82 -30.49
CA GLY A 299 -19.29 -20.30 -29.58
C GLY A 299 -19.93 -19.81 -28.31
N ASN A 300 -19.17 -19.81 -27.23
CA ASN A 300 -19.65 -19.28 -25.97
C ASN A 300 -18.53 -18.49 -25.31
N GLY A 301 -18.88 -17.33 -24.77
CA GLY A 301 -17.95 -16.50 -24.01
C GLY A 301 -18.43 -16.31 -22.58
N VAL A 302 -17.71 -16.91 -21.64
CA VAL A 302 -18.02 -16.91 -20.21
C VAL A 302 -19.54 -16.89 -19.98
N GLY A 303 -20.03 -15.99 -19.12
CA GLY A 303 -21.45 -15.84 -18.88
C GLY A 303 -21.72 -14.41 -18.47
N SER A 304 -23.00 -14.04 -18.50
CA SER A 304 -23.41 -12.80 -17.85
C SER A 304 -23.05 -12.85 -16.36
N VAL A 305 -23.07 -11.69 -15.72
CA VAL A 305 -22.85 -11.65 -14.27
C VAL A 305 -23.85 -12.57 -13.58
N ALA A 306 -25.13 -12.50 -14.00
CA ALA A 306 -26.15 -13.37 -13.41
C ALA A 306 -25.87 -14.83 -13.72
N ASP A 307 -25.40 -15.13 -14.94
CA ASP A 307 -24.97 -16.49 -15.26
C ASP A 307 -23.90 -16.95 -14.29
N CYS A 308 -22.92 -16.08 -14.02
CA CYS A 308 -21.85 -16.44 -13.11
C CYS A 308 -22.37 -16.70 -11.71
N GLN A 309 -23.28 -15.85 -11.24
CA GLN A 309 -23.85 -16.05 -9.91
C GLN A 309 -24.64 -17.35 -9.84
N ALA A 310 -25.43 -17.65 -10.88
CA ALA A 310 -26.20 -18.88 -10.90
C ALA A 310 -25.28 -20.10 -10.88
N MET A 311 -24.16 -20.02 -11.62
CA MET A 311 -23.19 -21.10 -11.60
C MET A 311 -22.60 -21.29 -10.20
N LEU A 312 -22.26 -20.19 -9.53
CA LEU A 312 -21.71 -20.30 -8.19
C LEU A 312 -22.72 -20.88 -7.21
N ASP A 313 -23.98 -20.43 -7.30
CA ASP A 313 -25.02 -20.98 -6.43
C ASP A 313 -25.16 -22.48 -6.64
N PHE A 314 -25.14 -22.93 -7.90
CA PHE A 314 -25.21 -24.36 -8.17
C PHE A 314 -24.00 -25.09 -7.60
N ALA A 315 -22.80 -24.53 -7.79
CA ALA A 315 -21.60 -25.20 -7.31
C ALA A 315 -21.61 -25.30 -5.79
N GLY A 316 -22.10 -24.27 -5.10
CA GLY A 316 -22.17 -24.32 -3.65
C GLY A 316 -23.16 -25.33 -3.14
N GLU A 317 -24.27 -25.52 -3.85
CA GLU A 317 -25.27 -26.49 -3.42
C GLU A 317 -24.84 -27.93 -3.72
N HIS A 318 -24.01 -28.14 -4.73
CA HIS A 318 -23.59 -29.47 -5.13
C HIS A 318 -22.12 -29.76 -4.81
N GLY A 319 -21.44 -28.84 -4.14
CA GLY A 319 -20.05 -29.09 -3.75
C GLY A 319 -19.10 -29.20 -4.93
N VAL A 320 -19.30 -28.38 -5.95
CA VAL A 320 -18.44 -28.39 -7.13
C VAL A 320 -17.32 -27.38 -6.92
N THR A 321 -16.07 -27.85 -6.99
CA THR A 321 -14.90 -26.99 -6.92
C THR A 321 -13.87 -27.47 -7.92
N ALA A 322 -12.97 -26.59 -8.29
CA ALA A 322 -11.88 -26.95 -9.18
C ALA A 322 -10.85 -27.78 -8.44
N ASP A 323 -10.19 -28.68 -9.17
CA ASP A 323 -9.01 -29.36 -8.68
C ASP A 323 -7.80 -28.46 -8.93
N ILE A 324 -7.16 -28.02 -7.85
CA ILE A 324 -6.23 -26.89 -7.94
C ILE A 324 -4.88 -27.25 -7.37
N GLU A 325 -3.88 -26.50 -7.81
CA GLU A 325 -2.55 -26.47 -7.21
C GLU A 325 -2.28 -25.02 -6.80
N VAL A 326 -2.23 -24.78 -5.50
CA VAL A 326 -2.07 -23.43 -4.98
C VAL A 326 -0.59 -23.08 -4.94
N VAL A 327 -0.24 -21.90 -5.45
CA VAL A 327 1.15 -21.48 -5.57
C VAL A 327 1.27 -20.03 -5.10
N GLN A 328 2.49 -19.68 -4.67
CA GLN A 328 2.84 -18.31 -4.35
C GLN A 328 3.17 -17.54 -5.64
N MET A 329 3.03 -16.22 -5.56
CA MET A 329 3.29 -15.40 -6.74
C MET A 329 4.72 -15.56 -7.23
N ASP A 330 5.68 -15.77 -6.32
CA ASP A 330 7.06 -15.90 -6.77
C ASP A 330 7.30 -17.14 -7.62
N TYR A 331 6.34 -18.07 -7.64
CA TYR A 331 6.38 -19.28 -8.46
C TYR A 331 5.66 -19.10 -9.79
N VAL A 332 5.07 -17.93 -10.04
CA VAL A 332 4.12 -17.80 -11.15
C VAL A 332 4.77 -18.08 -12.50
N ASN A 333 6.04 -17.73 -12.67
CA ASN A 333 6.67 -17.99 -13.97
C ASN A 333 6.86 -19.48 -14.20
N THR A 334 7.17 -20.22 -13.14
CA THR A 334 7.23 -21.68 -13.26
C THR A 334 5.85 -22.27 -13.52
N ALA A 335 4.82 -21.74 -12.84
CA ALA A 335 3.47 -22.20 -13.09
C ALA A 335 3.06 -21.95 -14.54
N ILE A 336 3.37 -20.78 -15.07
CA ILE A 336 3.04 -20.47 -16.46
C ILE A 336 3.71 -21.46 -17.39
N GLU A 337 5.00 -21.75 -17.15
CA GLU A 337 5.71 -22.69 -18.00
C GLU A 337 5.08 -24.08 -17.92
N ARG A 338 4.68 -24.50 -16.73
CA ARG A 338 4.06 -25.81 -16.57
C ARG A 338 2.70 -25.85 -17.24
N LEU A 339 1.93 -24.75 -17.17
CA LEU A 339 0.68 -24.69 -17.90
C LEU A 339 0.92 -24.81 -19.40
N GLU A 340 1.92 -24.09 -19.91
CA GLU A 340 2.28 -24.21 -21.32
C GLU A 340 2.64 -25.64 -21.69
N LYS A 341 3.27 -26.37 -20.77
CA LYS A 341 3.69 -27.74 -21.00
C LYS A 341 2.61 -28.77 -20.66
N ASN A 342 1.42 -28.32 -20.26
CA ASN A 342 0.31 -29.23 -19.95
C ASN A 342 0.67 -30.12 -18.76
N ASP A 343 1.06 -29.48 -17.65
CA ASP A 343 1.57 -30.17 -16.48
C ASP A 343 0.91 -29.62 -15.21
N VAL A 344 -0.42 -29.63 -15.17
CA VAL A 344 -1.16 -29.23 -13.97
C VAL A 344 -2.48 -30.01 -13.94
N ARG A 345 -2.89 -30.39 -12.74
N ARG A 345 -2.89 -30.40 -12.74
CA ARG A 345 -4.11 -31.17 -12.54
CA ARG A 345 -4.11 -31.18 -12.54
C ARG A 345 -5.04 -30.48 -11.55
C ARG A 345 -5.04 -30.48 -11.55
N TYR A 346 -5.83 -29.50 -11.99
CA TYR A 346 -5.96 -29.08 -13.39
C TYR A 346 -5.94 -27.56 -13.54
N ARG A 347 -5.80 -26.84 -12.43
CA ARG A 347 -5.82 -25.40 -12.41
C ARG A 347 -4.83 -24.87 -11.39
N PHE A 348 -3.98 -23.93 -11.80
CA PHE A 348 -3.18 -23.19 -10.85
C PHE A 348 -4.03 -22.09 -10.22
N VAL A 349 -3.86 -21.90 -8.92
CA VAL A 349 -4.45 -20.79 -8.19
C VAL A 349 -3.35 -20.12 -7.39
N ILE A 350 -3.20 -18.80 -7.57
CA ILE A 350 -2.19 -18.05 -6.86
C ILE A 350 -2.76 -17.59 -5.53
N ASP A 351 -2.04 -17.89 -4.44
CA ASP A 351 -2.33 -17.36 -3.12
C ASP A 351 -1.79 -15.93 -3.09
N VAL A 352 -2.64 -14.98 -3.51
CA VAL A 352 -2.19 -13.60 -3.66
C VAL A 352 -1.98 -12.96 -2.29
N ALA A 353 -2.97 -13.09 -1.40
CA ALA A 353 -2.89 -12.42 -0.10
C ALA A 353 -1.75 -12.99 0.74
N GLY A 354 -1.37 -14.25 0.51
CA GLY A 354 -0.27 -14.86 1.21
C GLY A 354 1.07 -14.71 0.54
N SER A 355 1.14 -13.97 -0.57
CA SER A 355 2.37 -13.77 -1.32
C SER A 355 2.93 -12.38 -1.08
N LYS A 356 4.25 -12.29 -1.14
CA LYS A 356 4.95 -11.01 -1.11
C LYS A 356 4.83 -10.40 -2.50
N MET A 357 3.89 -9.46 -2.66
CA MET A 357 3.63 -8.89 -3.97
CA MET A 357 3.63 -8.89 -3.97
C MET A 357 4.67 -7.85 -4.38
N GLU A 358 5.21 -7.11 -3.42
CA GLU A 358 6.22 -6.09 -3.69
C GLU A 358 7.58 -6.60 -3.27
N GLU A 359 8.62 -6.15 -3.97
CA GLU A 359 9.98 -6.54 -3.68
C GLU A 359 10.63 -5.50 -2.78
N THR A 360 11.31 -5.97 -1.74
CA THR A 360 11.90 -5.09 -0.74
C THR A 360 13.36 -5.47 -0.49
N LYS B 8 3.45 -6.54 6.17
CA LYS B 8 3.04 -5.60 5.12
C LYS B 8 4.25 -4.82 4.59
N THR B 9 4.04 -4.07 3.52
CA THR B 9 5.10 -3.25 2.91
C THR B 9 4.73 -1.78 3.04
N ALA B 10 5.68 -0.98 3.52
CA ALA B 10 5.52 0.46 3.61
C ALA B 10 6.40 1.13 2.57
N HIS B 11 6.10 2.40 2.30
CA HIS B 11 6.73 3.12 1.19
C HIS B 11 7.21 4.48 1.69
N GLY B 12 8.52 4.72 1.57
CA GLY B 12 9.08 6.01 1.91
C GLY B 12 10.13 6.46 0.93
N TRP B 13 10.91 7.47 1.33
CA TRP B 13 12.09 7.91 0.61
C TRP B 13 13.29 7.76 1.53
N ALA B 14 14.36 7.17 1.01
CA ALA B 14 15.50 6.79 1.83
C ALA B 14 16.80 7.23 1.18
N ALA B 15 17.82 7.40 2.03
CA ALA B 15 19.19 7.57 1.57
C ALA B 15 19.89 6.21 1.55
N ARG B 16 20.73 6.00 0.54
CA ARG B 16 21.48 4.75 0.40
C ARG B 16 22.94 4.89 0.81
N ASP B 17 23.48 6.09 0.82
CA ASP B 17 24.88 6.30 1.18
C ASP B 17 25.02 7.72 1.73
N ALA B 18 26.27 8.09 2.02
CA ALA B 18 26.56 9.37 2.67
C ALA B 18 26.32 10.57 1.78
N SER B 19 26.00 10.37 0.49
CA SER B 19 25.54 11.49 -0.33
C SER B 19 24.27 12.10 0.24
N GLY B 20 23.49 11.32 0.98
CA GLY B 20 22.22 11.80 1.50
C GLY B 20 21.13 11.94 0.47
N HIS B 21 21.37 11.51 -0.77
CA HIS B 21 20.36 11.66 -1.82
C HIS B 21 19.20 10.71 -1.56
N LEU B 22 17.98 11.26 -1.55
CA LEU B 22 16.78 10.50 -1.23
C LEU B 22 16.06 10.05 -2.50
N SER B 23 15.53 8.84 -2.47
CA SER B 23 14.75 8.30 -3.57
C SER B 23 13.78 7.28 -3.00
N PRO B 24 12.75 6.90 -3.76
CA PRO B 24 11.74 5.97 -3.24
C PRO B 24 12.37 4.68 -2.73
N TYR B 25 11.73 4.11 -1.70
CA TYR B 25 12.24 2.93 -1.04
C TYR B 25 11.08 2.19 -0.39
N SER B 26 10.87 0.93 -0.79
CA SER B 26 9.86 0.08 -0.19
C SER B 26 10.53 -0.87 0.80
N PHE B 27 9.87 -1.10 1.93
CA PHE B 27 10.46 -1.91 2.99
C PHE B 27 9.36 -2.63 3.75
N SER B 28 9.76 -3.71 4.43
CA SER B 28 8.82 -4.48 5.24
C SER B 28 8.43 -3.70 6.48
N ALA B 29 7.14 -3.63 6.76
CA ALA B 29 6.61 -2.94 7.92
C ALA B 29 6.13 -3.94 8.95
N ARG B 30 6.24 -3.57 10.22
CA ARG B 30 5.79 -4.47 11.28
C ARG B 30 4.28 -4.36 11.45
N ILE B 31 3.69 -5.45 11.94
CA ILE B 31 2.23 -5.55 12.04
C ILE B 31 1.74 -4.75 13.23
N GLN B 32 0.59 -4.10 13.06
CA GLN B 32 -0.08 -3.45 14.17
C GLN B 32 -0.35 -4.46 15.27
N GLY B 33 0.26 -4.25 16.44
CA GLY B 33 0.04 -5.11 17.59
C GLY B 33 -1.13 -4.65 18.44
N ASP B 34 -1.31 -5.35 19.55
CA ASP B 34 -2.47 -5.10 20.42
C ASP B 34 -2.49 -3.66 20.93
N ALA B 35 -1.33 -3.08 21.20
CA ALA B 35 -1.24 -1.75 21.78
C ALA B 35 -0.70 -0.72 20.78
N ASP B 36 -0.75 -1.03 19.49
CA ASP B 36 -0.19 -0.17 18.46
C ASP B 36 -1.28 0.66 17.77
N VAL B 37 -0.84 1.76 17.17
CA VAL B 37 -1.69 2.67 16.42
C VAL B 37 -1.15 2.76 15.01
N THR B 38 -2.04 2.68 14.02
CA THR B 38 -1.66 2.86 12.62
C THR B 38 -1.97 4.29 12.22
N ILE B 39 -0.98 4.97 11.63
CA ILE B 39 -1.04 6.39 11.38
C ILE B 39 -0.75 6.63 9.90
N LYS B 40 -1.70 7.26 9.22
CA LYS B 40 -1.47 7.79 7.88
C LYS B 40 -0.72 9.11 8.01
N VAL B 41 0.49 9.16 7.44
CA VAL B 41 1.32 10.35 7.59
C VAL B 41 0.77 11.44 6.69
N LEU B 42 0.49 12.60 7.28
CA LEU B 42 0.06 13.77 6.53
C LEU B 42 1.22 14.72 6.25
N PHE B 43 1.98 15.08 7.29
CA PHE B 43 3.07 16.03 7.16
C PHE B 43 4.26 15.53 7.98
N CYS B 44 5.46 15.87 7.51
CA CYS B 44 6.67 15.58 8.26
C CYS B 44 7.65 16.73 8.10
N GLY B 45 8.08 17.31 9.22
CA GLY B 45 9.09 18.34 9.17
C GLY B 45 10.47 17.78 8.86
N ILE B 46 11.35 18.68 8.43
CA ILE B 46 12.76 18.37 8.22
C ILE B 46 13.59 19.24 9.13
N CYS B 47 14.59 18.67 9.79
CA CYS B 47 15.52 19.46 10.58
C CYS B 47 16.92 18.89 10.40
N HIS B 48 17.90 19.61 10.93
CA HIS B 48 19.29 19.26 10.70
C HIS B 48 19.64 17.87 11.22
N THR B 49 18.90 17.35 12.20
CA THR B 49 19.17 15.99 12.65
C THR B 49 19.00 15.01 11.49
N ASP B 50 17.96 15.18 10.67
CA ASP B 50 17.78 14.30 9.51
C ASP B 50 18.98 14.39 8.57
N LEU B 51 19.48 15.62 8.34
CA LEU B 51 20.64 15.80 7.48
C LEU B 51 21.88 15.12 8.06
N HIS B 52 22.11 15.27 9.36
CA HIS B 52 23.28 14.65 9.97
C HIS B 52 23.23 13.13 9.83
N VAL B 53 22.04 12.54 9.93
CA VAL B 53 21.92 11.09 9.85
C VAL B 53 22.16 10.61 8.42
N ILE B 54 21.46 11.18 7.45
CA ILE B 54 21.54 10.66 6.09
C ILE B 54 22.90 10.91 5.46
N LYS B 55 23.63 11.92 5.92
CA LYS B 55 25.00 12.15 5.46
C LYS B 55 26.03 11.43 6.32
N ASN B 56 25.58 10.61 7.28
CA ASN B 56 26.46 9.79 8.11
C ASN B 56 27.50 10.65 8.84
N GLU B 57 27.14 11.88 9.17
CA GLU B 57 28.08 12.78 9.81
C GLU B 57 28.33 12.43 11.28
N TRP B 58 27.54 11.51 11.84
CA TRP B 58 27.80 10.94 13.16
C TRP B 58 28.31 9.50 13.07
N GLY B 59 28.51 8.97 11.87
CA GLY B 59 28.99 7.61 11.69
C GLY B 59 28.03 6.53 12.12
N ASN B 60 26.75 6.85 12.33
CA ASN B 60 25.78 5.88 12.84
C ASN B 60 24.66 5.60 11.85
N ALA B 61 24.78 6.05 10.61
CA ALA B 61 23.74 5.79 9.61
C ALA B 61 23.69 4.30 9.29
N MET B 62 22.51 3.73 9.36
CA MET B 62 22.29 2.33 8.99
C MET B 62 21.48 2.34 7.70
N TYR B 63 22.19 2.37 6.57
CA TYR B 63 21.55 2.50 5.27
C TYR B 63 20.84 1.21 4.88
N PRO B 64 19.72 1.33 4.15
CA PRO B 64 19.03 2.58 3.78
C PRO B 64 18.35 3.26 4.97
N VAL B 65 18.39 4.58 5.01
CA VAL B 65 17.82 5.37 6.10
C VAL B 65 16.61 6.11 5.57
N VAL B 66 15.48 5.92 6.23
CA VAL B 66 14.27 6.70 5.96
C VAL B 66 14.19 7.79 7.02
N PRO B 67 14.42 9.07 6.68
CA PRO B 67 14.39 10.13 7.68
C PRO B 67 12.98 10.46 8.16
N GLY B 68 12.89 11.43 9.08
CA GLY B 68 11.60 11.96 9.49
C GLY B 68 11.26 11.64 10.92
N HIS B 69 11.26 12.67 11.77
CA HIS B 69 10.91 12.52 13.18
C HIS B 69 10.06 13.68 13.69
N GLU B 70 9.37 14.38 12.79
CA GLU B 70 8.47 15.48 13.15
C GLU B 70 7.17 15.23 12.40
N VAL B 71 6.40 14.24 12.86
CA VAL B 71 5.36 13.61 12.07
C VAL B 71 3.99 14.00 12.60
N VAL B 72 3.11 14.44 11.70
CA VAL B 72 1.70 14.65 12.00
C VAL B 72 0.89 13.77 11.07
N GLY B 73 -0.09 13.08 11.62
CA GLY B 73 -0.89 12.18 10.81
C GLY B 73 -2.27 11.97 11.36
N VAL B 74 -3.01 11.06 10.75
CA VAL B 74 -4.35 10.70 11.22
C VAL B 74 -4.37 9.19 11.48
N VAL B 75 -4.95 8.82 12.61
CA VAL B 75 -5.08 7.41 12.95
C VAL B 75 -6.08 6.77 11.99
N THR B 76 -5.68 5.63 11.40
CA THR B 76 -6.56 4.88 10.52
C THR B 76 -6.99 3.54 11.09
N ASP B 77 -6.30 3.03 12.12
CA ASP B 77 -6.63 1.77 12.74
C ASP B 77 -5.88 1.68 14.06
N VAL B 78 -6.44 0.93 15.01
CA VAL B 78 -5.82 0.75 16.32
C VAL B 78 -5.94 -0.72 16.74
N GLY B 79 -4.98 -1.16 17.55
CA GLY B 79 -5.03 -2.51 18.08
C GLY B 79 -6.18 -2.70 19.06
N HIS B 80 -6.49 -3.98 19.31
CA HIS B 80 -7.65 -4.31 20.13
C HIS B 80 -7.52 -3.76 21.56
N GLY B 81 -6.29 -3.60 22.04
CA GLY B 81 -6.05 -3.11 23.38
C GLY B 81 -5.77 -1.63 23.50
N VAL B 82 -5.99 -0.86 22.44
CA VAL B 82 -5.69 0.57 22.45
C VAL B 82 -6.87 1.32 23.05
N THR B 83 -6.58 2.20 24.01
CA THR B 83 -7.59 3.05 24.62
C THR B 83 -7.35 4.53 24.44
N LYS B 84 -6.12 4.95 24.11
CA LYS B 84 -5.79 6.36 24.07
C LYS B 84 -6.14 7.03 22.74
N PHE B 85 -6.41 6.26 21.69
CA PHE B 85 -6.66 6.84 20.37
C PHE B 85 -7.69 6.00 19.64
N LYS B 86 -8.32 6.63 18.65
CA LYS B 86 -9.30 5.98 17.79
C LYS B 86 -9.11 6.49 16.37
N ALA B 87 -9.63 5.74 15.41
CA ALA B 87 -9.56 6.14 14.01
C ALA B 87 -10.08 7.56 13.86
N GLY B 88 -9.40 8.34 13.01
CA GLY B 88 -9.75 9.72 12.77
C GLY B 88 -9.05 10.72 13.65
N ASP B 89 -8.42 10.29 14.74
CA ASP B 89 -7.69 11.21 15.60
C ASP B 89 -6.48 11.77 14.88
N THR B 90 -6.25 13.08 15.05
N THR B 90 -6.25 13.08 15.05
CA THR B 90 -5.06 13.73 14.55
CA THR B 90 -5.04 13.73 14.53
C THR B 90 -3.96 13.60 15.60
C THR B 90 -3.95 13.63 15.59
N VAL B 91 -2.80 13.07 15.20
CA VAL B 91 -1.75 12.69 16.14
C VAL B 91 -0.39 13.10 15.63
N GLY B 92 0.58 13.08 16.53
CA GLY B 92 1.95 13.36 16.19
C GLY B 92 2.89 12.29 16.73
N VAL B 93 4.02 12.14 16.05
CA VAL B 93 5.10 11.27 16.49
C VAL B 93 6.38 12.10 16.45
N GLY B 94 7.13 12.07 17.55
CA GLY B 94 8.33 12.88 17.70
C GLY B 94 9.59 12.08 17.47
N TYR B 95 10.62 12.39 18.27
CA TYR B 95 11.96 11.87 18.03
C TYR B 95 12.09 10.37 18.29
N PHE B 96 11.23 9.79 19.13
CA PHE B 96 11.35 8.38 19.47
C PHE B 96 9.98 7.72 19.50
N VAL B 97 9.97 6.40 19.32
CA VAL B 97 8.74 5.63 19.21
C VAL B 97 8.62 4.53 20.25
N ASP B 98 9.65 4.27 21.05
CA ASP B 98 9.57 3.21 22.03
C ASP B 98 10.72 3.36 23.02
N SER B 99 10.63 2.61 24.12
CA SER B 99 11.68 2.55 25.12
C SER B 99 11.58 1.20 25.84
N CYS B 100 12.49 0.96 26.79
CA CYS B 100 12.50 -0.34 27.47
C CYS B 100 11.30 -0.49 28.41
N ARG B 101 10.75 0.61 28.90
CA ARG B 101 9.54 0.67 29.71
C ARG B 101 9.78 0.26 31.17
N THR B 102 10.96 -0.27 31.52
CA THR B 102 11.18 -0.83 32.84
C THR B 102 12.22 -0.08 33.68
N CYS B 103 13.08 0.71 33.05
CA CYS B 103 14.14 1.38 33.80
C CYS B 103 13.56 2.52 34.65
N GLU B 104 14.42 3.09 35.48
CA GLU B 104 14.00 4.17 36.38
C GLU B 104 13.44 5.35 35.59
N SER B 105 14.11 5.74 34.51
CA SER B 105 13.64 6.87 33.70
C SER B 105 12.29 6.56 33.08
N CYS B 106 12.14 5.37 32.49
CA CYS B 106 10.88 5.00 31.86
C CYS B 106 9.75 4.96 32.87
N SER B 107 10.01 4.38 34.05
CA SER B 107 8.95 4.19 35.04
C SER B 107 8.47 5.49 35.65
N THR B 108 9.27 6.56 35.58
CA THR B 108 8.90 7.84 36.16
C THR B 108 8.44 8.85 35.12
N GLY B 109 8.17 8.40 33.89
CA GLY B 109 7.69 9.30 32.86
C GLY B 109 8.77 10.11 32.18
N HIS B 110 10.03 9.67 32.26
CA HIS B 110 11.12 10.36 31.58
C HIS B 110 11.79 9.38 30.62
N GLU B 111 10.99 8.67 29.83
CA GLU B 111 11.51 7.67 28.92
C GLU B 111 12.46 8.28 27.89
N ASN B 112 12.41 9.60 27.67
CA ASN B 112 13.36 10.23 26.76
C ASN B 112 14.81 10.01 27.19
N TYR B 113 15.04 9.64 28.44
CA TYR B 113 16.38 9.35 28.94
C TYR B 113 16.66 7.85 29.05
N CYS B 114 15.81 7.01 28.48
CA CYS B 114 16.03 5.57 28.52
C CYS B 114 17.32 5.23 27.77
N PRO B 115 18.23 4.43 28.36
CA PRO B 115 19.42 4.02 27.60
C PRO B 115 19.10 3.17 26.39
N ASP B 116 17.92 2.55 26.35
CA ASP B 116 17.50 1.72 25.23
C ASP B 116 16.38 2.39 24.44
N LEU B 117 16.48 3.72 24.29
CA LEU B 117 15.48 4.47 23.55
C LEU B 117 15.46 4.02 22.09
N VAL B 118 14.26 3.93 21.53
CA VAL B 118 14.08 3.55 20.13
C VAL B 118 13.73 4.82 19.36
N LEU B 119 14.67 5.30 18.55
CA LEU B 119 14.44 6.49 17.75
C LEU B 119 13.45 6.22 16.63
N THR B 120 12.76 7.28 16.23
CA THR B 120 11.76 7.18 15.17
C THR B 120 12.40 6.91 13.81
N SER B 121 13.57 7.48 13.57
CA SER B 121 14.30 7.32 12.32
C SER B 121 15.71 6.86 12.64
N ASN B 122 16.15 5.78 12.00
CA ASN B 122 17.48 5.24 12.20
C ASN B 122 17.69 4.75 13.64
N GLY B 123 16.60 4.27 14.25
CA GLY B 123 16.67 3.64 15.55
C GLY B 123 16.78 2.14 15.45
N VAL B 124 17.05 1.51 16.58
CA VAL B 124 17.16 0.06 16.69
C VAL B 124 15.97 -0.42 17.50
N ASP B 125 15.04 -1.10 16.84
CA ASP B 125 13.80 -1.56 17.48
C ASP B 125 14.12 -2.80 18.29
N HIS B 126 14.50 -2.59 19.55
CA HIS B 126 14.91 -3.69 20.41
C HIS B 126 13.77 -4.70 20.62
N HIS B 127 12.53 -4.22 20.63
CA HIS B 127 11.38 -5.09 20.82
C HIS B 127 10.97 -5.85 19.56
N HIS B 128 11.68 -5.66 18.46
CA HIS B 128 11.34 -6.34 17.20
C HIS B 128 12.64 -6.70 16.46
N HIS B 129 13.49 -7.49 17.13
CA HIS B 129 14.69 -8.07 16.53
C HIS B 129 15.69 -7.00 16.08
N GLY B 130 15.71 -5.87 16.78
CA GLY B 130 16.66 -4.82 16.46
C GLY B 130 16.58 -4.29 15.05
N ALA B 131 15.45 -4.49 14.37
CA ALA B 131 15.28 -3.94 13.04
C ALA B 131 15.38 -2.42 13.07
N THR B 132 15.88 -1.85 11.99
CA THR B 132 16.00 -0.40 11.90
C THR B 132 14.62 0.23 11.73
N THR B 133 14.43 1.39 12.36
CA THR B 133 13.17 2.11 12.25
C THR B 133 13.23 3.08 11.08
N LYS B 134 12.10 3.19 10.37
CA LYS B 134 11.97 4.09 9.24
C LYS B 134 11.05 5.24 9.66
N GLY B 135 11.49 6.46 9.36
CA GLY B 135 10.83 7.65 9.89
C GLY B 135 9.65 8.11 9.06
N GLY B 136 9.25 9.36 9.31
CA GLY B 136 8.06 9.95 8.75
C GLY B 136 8.15 10.39 7.31
N PHE B 137 9.29 10.17 6.64
CA PHE B 137 9.35 10.33 5.19
C PHE B 137 8.75 9.09 4.54
N SER B 138 7.53 8.74 4.93
CA SER B 138 6.91 7.49 4.47
C SER B 138 5.40 7.60 4.66
N ASP B 139 4.67 6.65 4.06
CA ASP B 139 3.22 6.84 3.95
C ASP B 139 2.47 6.40 5.21
N VAL B 140 2.93 5.35 5.90
CA VAL B 140 2.20 4.80 7.03
C VAL B 140 3.17 4.42 8.14
N LEU B 141 2.85 4.80 9.37
CA LEU B 141 3.60 4.41 10.55
C LEU B 141 2.74 3.55 11.49
N VAL B 142 3.40 2.66 12.20
CA VAL B 142 2.78 1.85 13.25
C VAL B 142 3.58 2.10 14.52
N VAL B 143 2.92 2.61 15.55
CA VAL B 143 3.60 3.11 16.74
C VAL B 143 2.79 2.73 17.99
N SER B 144 3.50 2.35 19.05
CA SER B 144 2.88 2.13 20.35
C SER B 144 2.03 3.33 20.75
N GLN B 145 0.83 3.04 21.26
CA GLN B 145 -0.06 4.11 21.71
C GLN B 145 0.57 4.98 22.77
N ASP B 146 1.57 4.48 23.49
CA ASP B 146 2.19 5.22 24.57
C ASP B 146 3.22 6.24 24.08
N PHE B 147 3.49 6.27 22.77
CA PHE B 147 4.48 7.16 22.20
C PHE B 147 3.88 8.02 21.10
N VAL B 148 2.56 8.19 21.12
CA VAL B 148 1.83 9.05 20.20
C VAL B 148 1.24 10.19 21.02
N VAL B 149 1.22 11.38 20.43
CA VAL B 149 0.62 12.53 21.08
C VAL B 149 -0.57 13.01 20.26
N ARG B 150 -1.47 13.73 20.93
CA ARG B 150 -2.67 14.25 20.31
C ARG B 150 -2.41 15.69 19.87
N VAL B 151 -2.64 15.96 18.59
CA VAL B 151 -2.44 17.30 18.03
C VAL B 151 -3.75 18.07 18.18
N PRO B 152 -3.76 19.21 18.87
CA PRO B 152 -5.01 19.97 19.01
C PRO B 152 -5.54 20.43 17.65
N GLU B 153 -6.87 20.32 17.50
CA GLU B 153 -7.52 20.75 16.27
C GLU B 153 -7.39 22.25 16.03
N SER B 154 -7.04 23.02 17.07
CA SER B 154 -6.86 24.45 16.90
C SER B 154 -5.58 24.82 16.15
N LEU B 155 -4.74 23.83 15.83
CA LEU B 155 -3.48 24.07 15.16
C LEU B 155 -3.52 23.55 13.73
N PRO B 156 -2.93 24.26 12.77
CA PRO B 156 -2.77 23.69 11.43
C PRO B 156 -1.84 22.48 11.50
N LEU B 157 -2.17 21.45 10.72
CA LEU B 157 -1.43 20.19 10.83
C LEU B 157 -0.01 20.35 10.32
N ASP B 158 0.20 21.16 9.29
CA ASP B 158 1.55 21.32 8.77
C ASP B 158 2.39 22.22 9.67
N GLY B 159 1.81 23.32 10.17
CA GLY B 159 2.54 24.19 11.09
C GLY B 159 2.82 23.56 12.44
N ALA B 160 2.07 22.54 12.83
CA ALA B 160 2.30 21.85 14.08
C ALA B 160 3.46 20.85 14.01
N ALA B 161 3.80 20.36 12.82
CA ALA B 161 4.76 19.26 12.73
C ALA B 161 6.11 19.61 13.33
N PRO B 162 6.72 20.76 13.05
CA PRO B 162 8.04 21.06 13.65
C PRO B 162 7.99 21.28 15.15
N LEU B 163 6.80 21.50 15.73
CA LEU B 163 6.69 21.65 17.18
C LEU B 163 7.15 20.39 17.90
N LEU B 164 7.03 19.23 17.26
CA LEU B 164 7.32 17.95 17.92
C LEU B 164 8.80 17.78 18.20
N CYS B 165 9.65 18.62 17.62
CA CYS B 165 11.09 18.56 17.84
C CYS B 165 11.58 19.88 18.38
N ALA B 166 11.63 20.93 17.56
CA ALA B 166 12.11 22.23 18.03
C ALA B 166 11.20 22.80 19.12
N GLY B 167 9.88 22.59 18.99
CA GLY B 167 8.96 23.19 19.95
C GLY B 167 9.12 22.64 21.36
N VAL B 168 9.13 21.31 21.49
CA VAL B 168 9.28 20.74 22.83
C VAL B 168 10.66 21.08 23.39
N THR B 169 11.68 21.16 22.54
CA THR B 169 13.04 21.45 23.00
C THR B 169 13.10 22.81 23.70
N VAL B 170 12.39 23.81 23.17
CA VAL B 170 12.45 25.14 23.76
C VAL B 170 11.34 25.36 24.79
N TYR B 171 10.19 24.69 24.63
CA TYR B 171 9.09 24.88 25.57
C TYR B 171 9.41 24.27 26.94
N SER B 172 9.92 23.04 26.95
CA SER B 172 10.13 22.34 28.21
C SER B 172 10.98 23.12 29.19
N PRO B 173 12.13 23.67 28.81
CA PRO B 173 12.91 24.46 29.77
C PRO B 173 12.20 25.73 30.23
N MET B 174 11.41 26.37 29.37
CA MET B 174 10.67 27.55 29.81
C MET B 174 9.73 27.20 30.96
N ALA B 175 9.02 26.07 30.84
CA ALA B 175 8.15 25.65 31.93
C ALA B 175 8.93 25.18 33.15
N GLN B 176 10.04 24.47 32.92
CA GLN B 176 10.79 23.88 34.03
C GLN B 176 11.41 24.96 34.91
N TYR B 177 12.01 25.98 34.31
CA TYR B 177 12.79 26.97 35.05
C TYR B 177 12.01 28.26 35.28
N ALA B 178 10.68 28.22 35.15
CA ALA B 178 9.82 29.35 35.45
C ALA B 178 10.15 30.55 34.57
N LEU B 179 10.58 30.30 33.34
CA LEU B 179 10.75 31.34 32.35
C LEU B 179 9.49 31.40 31.49
N ASN B 180 8.40 31.81 32.14
CA ASN B 180 7.08 31.50 31.62
C ASN B 180 5.99 32.45 32.12
N GLU B 181 6.34 33.70 32.43
CA GLU B 181 5.32 34.63 32.90
C GLU B 181 5.63 36.05 32.43
N PRO B 182 4.62 36.89 32.25
CA PRO B 182 4.86 38.29 31.88
C PRO B 182 5.79 38.97 32.88
N GLY B 183 6.57 39.91 32.38
CA GLY B 183 7.54 40.62 33.18
C GLY B 183 8.91 39.99 33.23
N LYS B 184 9.03 38.71 32.85
CA LYS B 184 10.33 38.08 32.73
C LYS B 184 10.96 38.47 31.40
N HIS B 185 12.28 38.65 31.41
CA HIS B 185 13.05 39.03 30.25
C HIS B 185 13.88 37.84 29.80
N LEU B 186 13.67 37.39 28.57
CA LEU B 186 14.32 36.21 28.02
C LEU B 186 15.18 36.60 26.84
N GLY B 187 16.41 36.09 26.80
CA GLY B 187 17.26 36.19 25.63
C GLY B 187 17.21 34.90 24.83
N VAL B 188 17.25 35.03 23.51
CA VAL B 188 17.35 33.88 22.61
C VAL B 188 18.57 34.09 21.74
N VAL B 189 19.53 33.17 21.81
CA VAL B 189 20.76 33.24 21.05
C VAL B 189 20.58 32.41 19.79
N GLY B 190 20.70 33.06 18.64
CA GLY B 190 20.51 32.37 17.38
C GLY B 190 19.10 32.49 16.86
N LEU B 191 18.97 32.47 15.54
CA LEU B 191 17.70 32.70 14.89
C LEU B 191 17.52 31.72 13.72
N GLY B 192 17.53 30.43 14.04
CA GLY B 192 17.20 29.41 13.07
C GLY B 192 15.87 28.77 13.42
N GLY B 193 15.77 27.46 13.23
CA GLY B 193 14.57 26.75 13.62
C GLY B 193 14.30 26.85 15.11
N LEU B 194 15.28 26.46 15.93
CA LEU B 194 15.09 26.49 17.37
C LEU B 194 14.90 27.92 17.87
N GLY B 195 15.70 28.85 17.33
CA GLY B 195 15.62 30.23 17.80
C GLY B 195 14.26 30.85 17.53
N HIS B 196 13.74 30.69 16.32
CA HIS B 196 12.44 31.25 16.00
C HIS B 196 11.34 30.60 16.85
N MET B 197 11.47 29.30 17.13
CA MET B 197 10.52 28.64 18.02
C MET B 197 10.59 29.22 19.42
N ALA B 198 11.81 29.41 19.94
CA ALA B 198 11.96 29.98 21.27
C ALA B 198 11.29 31.35 21.36
N VAL B 199 11.47 32.19 20.34
CA VAL B 199 10.86 33.51 20.36
C VAL B 199 9.34 33.40 20.41
N LYS B 200 8.78 32.53 19.58
CA LYS B 200 7.31 32.40 19.51
C LYS B 200 6.75 31.97 20.86
N PHE B 201 7.31 30.92 21.46
CA PHE B 201 6.82 30.47 22.75
C PHE B 201 7.04 31.54 23.82
N ALA B 202 8.21 32.18 23.82
CA ALA B 202 8.47 33.23 24.79
C ALA B 202 7.43 34.34 24.70
N LYS B 203 7.08 34.76 23.48
CA LYS B 203 6.06 35.77 23.31
C LYS B 203 4.70 35.27 23.78
N ALA B 204 4.37 34.00 23.50
CA ALA B 204 3.09 33.46 23.95
C ALA B 204 2.99 33.45 25.46
N PHE B 205 4.12 33.33 26.16
CA PHE B 205 4.13 33.42 27.61
C PHE B 205 4.02 34.85 28.12
N GLY B 206 4.11 35.84 27.23
CA GLY B 206 4.06 37.22 27.64
C GLY B 206 5.39 37.81 28.06
N MET B 207 6.49 37.15 27.76
CA MET B 207 7.79 37.65 28.17
C MET B 207 8.31 38.70 27.19
N THR B 208 9.25 39.50 27.66
CA THR B 208 10.01 40.42 26.81
C THR B 208 11.23 39.67 26.26
N VAL B 209 11.39 39.69 24.94
CA VAL B 209 12.35 38.81 24.27
C VAL B 209 13.44 39.64 23.60
N THR B 210 14.69 39.30 23.87
CA THR B 210 15.84 39.86 23.19
C THR B 210 16.49 38.77 22.35
N VAL B 211 16.63 39.02 21.04
CA VAL B 211 17.36 38.13 20.16
C VAL B 211 18.83 38.53 20.18
N ILE B 212 19.71 37.56 20.38
CA ILE B 212 21.15 37.77 20.44
C ILE B 212 21.78 37.01 19.27
N SER B 213 22.57 37.70 18.47
CA SER B 213 23.15 37.10 17.28
C SER B 213 24.54 37.66 17.04
N SER B 214 25.40 36.85 16.44
CA SER B 214 26.69 37.33 15.97
C SER B 214 26.60 37.99 14.60
N SER B 215 25.44 37.93 13.95
CA SER B 215 25.26 38.46 12.61
C SER B 215 24.37 39.69 12.66
N PRO B 216 24.90 40.91 12.53
CA PRO B 216 24.02 42.09 12.52
C PRO B 216 22.93 42.03 11.47
N GLY B 217 23.09 41.21 10.42
CA GLY B 217 22.13 41.17 9.34
C GLY B 217 20.78 40.58 9.72
N LYS B 218 20.71 39.86 10.83
CA LYS B 218 19.45 39.27 11.26
C LYS B 218 18.59 40.23 12.06
N ARG B 219 18.94 41.52 12.11
CA ARG B 219 18.22 42.47 12.94
C ARG B 219 16.77 42.61 12.48
N ASP B 220 16.55 42.91 11.20
CA ASP B 220 15.19 43.12 10.72
C ASP B 220 14.35 41.86 10.87
N GLU B 221 14.96 40.70 10.64
CA GLU B 221 14.31 39.42 10.88
C GLU B 221 13.82 39.32 12.31
N ALA B 222 14.68 39.65 13.28
CA ALA B 222 14.31 39.49 14.68
C ALA B 222 13.26 40.51 15.11
N LEU B 223 13.40 41.75 14.67
CA LEU B 223 12.52 42.82 15.14
C LEU B 223 11.26 42.97 14.29
N GLY B 224 11.27 42.52 13.05
CA GLY B 224 10.11 42.62 12.20
C GLY B 224 9.24 41.37 12.22
N ARG B 225 9.51 40.45 11.30
CA ARG B 225 8.79 39.20 11.19
C ARG B 225 8.48 38.58 12.55
N LEU B 226 9.53 38.29 13.33
CA LEU B 226 9.35 37.54 14.57
C LEU B 226 8.87 38.41 15.72
N GLY B 227 9.00 39.73 15.62
CA GLY B 227 8.46 40.60 16.64
C GLY B 227 9.17 40.56 17.96
N ALA B 228 10.48 40.30 17.98
CA ALA B 228 11.25 40.39 19.19
C ALA B 228 11.28 41.83 19.69
N ASP B 229 11.50 41.99 21.00
CA ASP B 229 11.49 43.32 21.60
C ASP B 229 12.83 44.03 21.44
N ALA B 230 13.93 43.28 21.34
CA ALA B 230 15.25 43.87 21.25
C ALA B 230 16.16 42.91 20.49
N PHE B 231 17.24 43.47 19.95
CA PHE B 231 18.23 42.73 19.20
C PHE B 231 19.62 43.17 19.65
N LEU B 232 20.46 42.20 19.98
CA LEU B 232 21.82 42.45 20.46
C LEU B 232 22.81 41.71 19.58
N VAL B 233 23.82 42.42 19.10
CA VAL B 233 24.95 41.81 18.41
C VAL B 233 25.96 41.39 19.46
N SER B 234 26.25 40.09 19.53
CA SER B 234 27.08 39.57 20.62
C SER B 234 28.50 40.11 20.58
N HIS B 235 28.92 40.76 19.49
CA HIS B 235 30.24 41.39 19.42
C HIS B 235 30.24 42.83 19.91
N ASP B 236 29.10 43.51 19.89
CA ASP B 236 29.04 44.89 20.38
C ASP B 236 29.28 44.94 21.88
N ALA B 237 30.55 45.07 22.29
CA ALA B 237 30.87 45.06 23.71
C ALA B 237 30.07 46.08 24.49
N ALA B 238 29.93 47.29 23.95
CA ALA B 238 29.25 48.36 24.68
C ALA B 238 27.76 48.08 24.83
N GLN B 239 27.11 47.62 23.76
CA GLN B 239 25.68 47.32 23.86
C GLN B 239 25.44 46.11 24.76
N MET B 240 26.28 45.09 24.66
CA MET B 240 26.19 43.95 25.56
C MET B 240 26.38 44.41 27.01
N LYS B 241 27.38 45.25 27.26
CA LYS B 241 27.62 45.74 28.61
C LYS B 241 26.42 46.52 29.13
N ALA B 242 25.75 47.27 28.26
CA ALA B 242 24.60 48.05 28.69
C ALA B 242 23.44 47.16 29.11
N ALA B 243 23.36 45.93 28.57
CA ALA B 243 22.32 44.98 28.91
C ALA B 243 22.74 44.00 30.00
N ALA B 244 23.89 44.23 30.64
CA ALA B 244 24.38 43.33 31.67
C ALA B 244 23.34 43.16 32.76
N ALA B 245 23.17 41.91 33.21
CA ALA B 245 22.35 41.60 34.38
C ALA B 245 20.90 42.06 34.21
N THR B 246 20.37 41.91 33.00
CA THR B 246 18.97 42.28 32.74
C THR B 246 18.06 41.10 32.43
N LEU B 247 18.60 39.93 32.13
CA LEU B 247 17.79 38.81 31.64
C LEU B 247 17.58 37.78 32.74
N ASP B 248 16.32 37.32 32.87
CA ASP B 248 16.00 36.23 33.78
C ASP B 248 16.48 34.89 33.24
N GLY B 249 16.49 34.72 31.93
CA GLY B 249 16.98 33.49 31.33
C GLY B 249 17.42 33.71 29.91
N ILE B 250 18.21 32.75 29.41
CA ILE B 250 18.68 32.72 28.03
C ILE B 250 18.49 31.32 27.48
N ILE B 251 17.94 31.23 26.27
CA ILE B 251 17.90 29.98 25.51
C ILE B 251 18.95 30.11 24.42
N ASP B 252 20.01 29.28 24.50
CA ASP B 252 21.13 29.33 23.57
C ASP B 252 20.96 28.22 22.55
N THR B 253 20.63 28.59 21.32
CA THR B 253 20.33 27.63 20.26
C THR B 253 21.48 27.48 19.26
N VAL B 254 22.60 28.17 19.47
CA VAL B 254 23.65 28.25 18.45
C VAL B 254 24.45 26.96 18.44
N SER B 255 24.64 26.39 17.24
CA SER B 255 25.45 25.19 17.05
C SER B 255 26.88 25.49 16.64
N ALA B 256 27.17 26.72 16.22
CA ALA B 256 28.54 27.10 15.93
C ALA B 256 29.29 27.41 17.23
N GLY B 257 30.61 27.25 17.19
CA GLY B 257 31.41 27.59 18.35
C GLY B 257 31.25 29.05 18.72
N HIS B 258 31.12 29.32 20.01
CA HIS B 258 30.95 30.69 20.48
C HIS B 258 31.25 30.76 21.97
N GLN B 259 31.56 31.96 22.43
CA GLN B 259 31.87 32.20 23.83
C GLN B 259 30.58 32.29 24.63
N ILE B 260 30.62 31.78 25.87
CA ILE B 260 29.43 31.72 26.71
C ILE B 260 29.49 32.82 27.76
N VAL B 261 30.70 33.25 28.12
CA VAL B 261 30.86 34.28 29.16
C VAL B 261 30.07 35.54 28.84
N PRO B 262 30.11 36.08 27.62
CA PRO B 262 29.34 37.30 27.35
C PRO B 262 27.84 37.10 27.48
N LEU B 263 27.35 35.89 27.23
CA LEU B 263 25.92 35.61 27.39
C LEU B 263 25.56 35.49 28.86
N LEU B 264 26.41 34.84 29.66
CA LEU B 264 26.16 34.76 31.10
C LEU B 264 26.12 36.14 31.73
N ALA B 265 26.92 37.09 31.22
CA ALA B 265 26.94 38.43 31.79
C ALA B 265 25.59 39.13 31.64
N LEU B 266 24.81 38.74 30.64
CA LEU B 266 23.48 39.33 30.45
C LEU B 266 22.49 38.85 31.49
N LEU B 267 22.76 37.75 32.16
CA LEU B 267 21.83 37.20 33.13
C LEU B 267 21.89 37.99 34.44
N LYS B 268 20.72 38.20 35.03
CA LYS B 268 20.65 38.61 36.41
C LYS B 268 21.32 37.58 37.29
N PRO B 269 21.73 37.95 38.50
CA PRO B 269 22.13 36.95 39.48
C PRO B 269 21.02 35.91 39.63
N MET B 270 21.43 34.64 39.72
CA MET B 270 20.54 33.49 39.83
C MET B 270 19.74 33.22 38.55
N GLY B 271 20.10 33.87 37.45
CA GLY B 271 19.45 33.62 36.18
C GLY B 271 19.86 32.29 35.59
N GLN B 272 19.10 31.86 34.57
CA GLN B 272 19.19 30.52 34.03
C GLN B 272 19.54 30.55 32.55
N MET B 273 20.62 29.87 32.19
N MET B 273 20.63 29.89 32.21
CA MET B 273 20.98 29.64 30.80
CA MET B 273 21.00 29.60 30.82
C MET B 273 20.63 28.21 30.41
C MET B 273 20.53 28.20 30.46
N VAL B 274 20.01 28.05 29.25
CA VAL B 274 19.58 26.76 28.74
C VAL B 274 20.26 26.54 27.40
N VAL B 275 21.11 25.53 27.32
CA VAL B 275 21.84 25.21 26.10
C VAL B 275 21.07 24.13 25.36
N VAL B 276 20.63 24.45 24.14
CA VAL B 276 19.96 23.49 23.28
C VAL B 276 20.66 23.29 21.95
N GLY B 277 21.58 24.18 21.57
CA GLY B 277 22.47 23.91 20.46
C GLY B 277 23.75 23.26 20.96
N ALA B 278 24.39 22.48 20.09
CA ALA B 278 25.52 21.63 20.48
C ALA B 278 26.72 21.93 19.60
N PRO B 279 27.52 22.94 19.95
CA PRO B 279 28.77 23.17 19.22
C PRO B 279 29.78 22.05 19.44
N SER B 280 30.59 21.80 18.41
CA SER B 280 31.62 20.78 18.55
C SER B 280 32.72 21.23 19.50
N THR B 281 32.98 22.53 19.58
CA THR B 281 34.00 23.01 20.50
C THR B 281 33.40 23.16 21.90
N PRO B 282 34.04 22.62 22.94
CA PRO B 282 33.46 22.74 24.28
C PRO B 282 33.27 24.19 24.70
N LEU B 283 32.23 24.42 25.50
CA LEU B 283 32.04 25.72 26.11
C LEU B 283 33.10 25.94 27.18
N GLU B 284 33.66 27.15 27.21
CA GLU B 284 34.67 27.53 28.18
C GLU B 284 33.95 28.30 29.29
N LEU B 285 33.92 27.70 30.49
CA LEU B 285 33.11 28.20 31.60
C LEU B 285 34.01 28.50 32.78
N PRO B 286 34.47 29.74 32.93
CA PRO B 286 35.21 30.11 34.15
C PRO B 286 34.31 30.01 35.36
N ALA B 287 34.82 29.37 36.42
CA ALA B 287 34.00 29.14 37.61
C ALA B 287 33.40 30.44 38.13
N TYR B 288 34.17 31.54 38.10
CA TYR B 288 33.67 32.80 38.62
C TYR B 288 32.45 33.28 37.86
N ALA B 289 32.32 32.91 36.59
CA ALA B 289 31.21 33.37 35.77
C ALA B 289 29.88 32.81 36.22
N ILE B 290 29.87 31.70 36.95
CA ILE B 290 28.64 31.19 37.54
C ILE B 290 28.62 31.33 39.07
N ILE B 291 29.78 31.35 39.72
CA ILE B 291 29.80 31.47 41.18
C ILE B 291 29.37 32.85 41.62
N THR B 292 29.91 33.89 40.99
CA THR B 292 29.82 35.24 41.54
C THR B 292 28.37 35.68 41.71
N GLY B 293 27.52 35.35 40.73
CA GLY B 293 26.10 35.66 40.79
C GLY B 293 25.19 34.48 40.95
N GLY B 294 25.70 33.31 41.32
CA GLY B 294 24.87 32.13 41.50
C GLY B 294 24.09 31.75 40.26
N LYS B 295 24.73 31.78 39.10
CA LYS B 295 24.03 31.55 37.85
C LYS B 295 24.01 30.06 37.51
N ARG B 296 23.05 29.70 36.66
CA ARG B 296 22.73 28.31 36.37
C ARG B 296 22.83 28.05 34.88
N VAL B 297 23.34 26.87 34.52
CA VAL B 297 23.47 26.43 33.15
C VAL B 297 22.92 25.02 33.04
N ALA B 298 21.99 24.81 32.14
CA ALA B 298 21.38 23.50 31.94
C ALA B 298 21.28 23.22 30.45
N GLY B 299 21.22 21.94 30.10
CA GLY B 299 20.99 21.55 28.72
C GLY B 299 19.74 20.70 28.58
N ASN B 300 19.20 20.60 27.38
CA ASN B 300 18.19 19.58 27.12
C ASN B 300 17.98 19.43 25.63
N GLY B 301 17.45 18.26 25.25
CA GLY B 301 16.99 18.02 23.90
C GLY B 301 15.49 17.87 23.89
N VAL B 302 14.95 16.94 23.09
CA VAL B 302 13.50 16.75 23.08
C VAL B 302 13.10 16.11 24.40
N GLY B 303 11.84 16.33 24.79
CA GLY B 303 11.35 15.88 26.06
C GLY B 303 10.66 14.53 25.97
N SER B 304 10.03 14.17 27.08
CA SER B 304 9.22 12.96 27.16
C SER B 304 7.96 13.12 26.31
N VAL B 305 7.22 12.03 26.19
CA VAL B 305 5.91 12.08 25.55
C VAL B 305 5.02 13.09 26.27
N ALA B 306 5.06 13.08 27.61
CA ALA B 306 4.25 14.03 28.37
C ALA B 306 4.71 15.47 28.14
N ASP B 307 6.03 15.69 28.10
CA ASP B 307 6.53 17.02 27.74
C ASP B 307 5.97 17.46 26.41
N CYS B 308 6.03 16.57 25.41
CA CYS B 308 5.57 16.93 24.08
C CYS B 308 4.09 17.26 24.08
N GLN B 309 3.29 16.50 24.83
CA GLN B 309 1.85 16.76 24.87
C GLN B 309 1.56 18.08 25.56
N ALA B 310 2.28 18.37 26.66
CA ALA B 310 2.08 19.62 27.36
C ALA B 310 2.44 20.81 26.46
N MET B 311 3.50 20.66 25.67
CA MET B 311 3.86 21.72 24.72
C MET B 311 2.76 21.90 23.68
N LEU B 312 2.21 20.82 23.15
CA LEU B 312 1.13 20.93 22.16
C LEU B 312 -0.10 21.57 22.76
N ASP B 313 -0.47 21.19 23.97
CA ASP B 313 -1.63 21.79 24.63
C ASP B 313 -1.46 23.30 24.76
N PHE B 314 -0.29 23.74 25.21
CA PHE B 314 0.00 25.16 25.32
C PHE B 314 -0.04 25.83 23.95
N ALA B 315 0.64 25.24 22.96
CA ALA B 315 0.63 25.81 21.62
C ALA B 315 -0.78 25.96 21.08
N GLY B 316 -1.62 24.94 21.27
CA GLY B 316 -3.00 25.04 20.80
C GLY B 316 -3.78 26.15 21.49
N GLU B 317 -3.50 26.38 22.77
CA GLU B 317 -4.19 27.41 23.54
C GLU B 317 -3.74 28.82 23.19
N HIS B 318 -2.60 28.97 22.50
CA HIS B 318 -2.04 30.29 22.21
C HIS B 318 -1.69 30.48 20.75
N GLY B 319 -2.12 29.59 19.87
CA GLY B 319 -1.89 29.74 18.45
C GLY B 319 -0.44 29.68 18.05
N VAL B 320 0.39 28.92 18.76
CA VAL B 320 1.80 28.84 18.43
C VAL B 320 1.98 27.80 17.33
N THR B 321 2.50 28.24 16.19
CA THR B 321 2.80 27.37 15.06
C THR B 321 4.16 27.76 14.51
N ALA B 322 4.81 26.80 13.87
CA ALA B 322 6.09 27.07 13.23
C ALA B 322 5.90 27.85 11.94
N ASP B 323 6.91 28.64 11.57
CA ASP B 323 6.95 29.28 10.27
C ASP B 323 7.55 28.29 9.28
N ILE B 324 6.74 27.84 8.32
CA ILE B 324 7.08 26.68 7.51
C ILE B 324 7.09 27.04 6.03
N GLU B 325 7.78 26.20 5.26
CA GLU B 325 7.62 26.15 3.82
C GLU B 325 7.24 24.71 3.45
N VAL B 326 6.04 24.54 2.91
CA VAL B 326 5.54 23.21 2.58
C VAL B 326 6.05 22.82 1.20
N VAL B 327 6.54 21.59 1.09
CA VAL B 327 7.12 21.10 -0.14
C VAL B 327 6.59 19.70 -0.43
N GLN B 328 6.59 19.33 -1.71
CA GLN B 328 6.31 17.96 -2.11
C GLN B 328 7.56 17.10 -1.94
N MET B 329 7.35 15.78 -1.81
CA MET B 329 8.47 14.89 -1.59
C MET B 329 9.46 14.92 -2.75
N ASP B 330 8.98 15.08 -3.99
CA ASP B 330 9.89 15.09 -5.13
C ASP B 330 10.79 16.32 -5.13
N TYR B 331 10.55 17.28 -4.24
CA TYR B 331 11.42 18.44 -4.06
C TYR B 331 12.38 18.28 -2.87
N VAL B 332 12.34 17.12 -2.20
CA VAL B 332 13.00 16.98 -0.91
C VAL B 332 14.50 17.19 -1.03
N ASN B 333 15.11 16.67 -2.11
CA ASN B 333 16.56 16.79 -2.24
C ASN B 333 16.98 18.24 -2.42
N THR B 334 16.18 19.03 -3.15
CA THR B 334 16.45 20.46 -3.22
C THR B 334 16.24 21.14 -1.88
N ALA B 335 15.21 20.74 -1.15
CA ALA B 335 14.98 21.31 0.19
C ALA B 335 16.15 21.03 1.11
N ILE B 336 16.69 19.81 1.07
CA ILE B 336 17.82 19.45 1.92
C ILE B 336 19.03 20.31 1.57
N GLU B 337 19.32 20.48 0.28
CA GLU B 337 20.42 21.35 -0.12
C GLU B 337 20.24 22.75 0.45
N ARG B 338 19.02 23.29 0.36
CA ARG B 338 18.75 24.61 0.92
C ARG B 338 18.92 24.61 2.44
N LEU B 339 18.48 23.55 3.11
CA LEU B 339 18.60 23.50 4.56
C LEU B 339 20.06 23.48 5.00
N GLU B 340 20.93 22.84 4.21
CA GLU B 340 22.37 22.87 4.51
C GLU B 340 22.88 24.30 4.61
N LYS B 341 22.34 25.21 3.81
CA LYS B 341 22.70 26.62 3.84
C LYS B 341 21.78 27.44 4.74
N ASN B 342 20.86 26.80 5.46
CA ASN B 342 19.90 27.50 6.30
C ASN B 342 19.07 28.49 5.48
N ASP B 343 18.73 28.10 4.25
CA ASP B 343 17.96 28.95 3.35
C ASP B 343 16.49 28.57 3.43
N VAL B 344 15.90 28.83 4.61
CA VAL B 344 14.49 28.59 4.82
C VAL B 344 14.05 29.42 6.02
N ARG B 345 12.80 29.86 5.99
CA ARG B 345 12.23 30.66 7.07
C ARG B 345 10.95 30.00 7.58
N TYR B 346 11.04 29.04 8.51
CA TYR B 346 12.29 28.59 9.13
C TYR B 346 12.42 27.08 9.12
N ARG B 347 11.42 26.38 8.61
CA ARG B 347 11.42 24.92 8.61
C ARG B 347 10.68 24.40 7.41
N PHE B 348 11.29 23.45 6.71
CA PHE B 348 10.60 22.71 5.67
C PHE B 348 9.66 21.69 6.30
N VAL B 349 8.51 21.53 5.68
CA VAL B 349 7.55 20.48 6.05
C VAL B 349 7.12 19.80 4.76
N ILE B 350 7.23 18.48 4.71
CA ILE B 350 6.85 17.71 3.54
C ILE B 350 5.35 17.39 3.61
N ASP B 351 4.64 17.72 2.54
CA ASP B 351 3.26 17.27 2.37
C ASP B 351 3.29 15.83 1.88
N VAL B 352 3.31 14.90 2.84
CA VAL B 352 3.49 13.49 2.50
C VAL B 352 2.25 12.92 1.83
N ALA B 353 1.08 13.10 2.47
CA ALA B 353 -0.14 12.53 1.91
C ALA B 353 -0.46 13.10 0.54
N GLY B 354 0.02 14.30 0.23
CA GLY B 354 -0.19 14.93 -1.05
C GLY B 354 0.91 14.69 -2.06
N SER B 355 1.87 13.82 -1.74
CA SER B 355 2.98 13.50 -2.61
C SER B 355 2.82 12.10 -3.18
N LYS B 356 3.35 11.91 -4.39
CA LYS B 356 3.46 10.57 -4.97
C LYS B 356 4.68 9.90 -4.36
N MET B 357 4.44 8.94 -3.47
CA MET B 357 5.53 8.32 -2.72
C MET B 357 6.17 7.16 -3.48
N GLU B 358 5.43 6.51 -4.38
CA GLU B 358 5.93 5.36 -5.12
C GLU B 358 6.16 5.73 -6.58
N GLU B 359 7.00 4.95 -7.25
CA GLU B 359 7.31 5.14 -8.67
C GLU B 359 6.31 4.38 -9.52
N THR B 360 5.71 5.08 -10.48
CA THR B 360 4.78 4.48 -11.43
C THR B 360 4.96 5.12 -12.80
ZN ZN C . -10.37 -17.11 -18.54
ZN ZN D . -23.31 -2.88 -23.93
C1 GOL E . -18.34 -12.77 -15.82
O1 GOL E . -19.01 -13.99 -15.61
C2 GOL E . -18.54 -11.82 -14.65
O2 GOL E . -18.86 -12.52 -13.47
C3 GOL E . -17.26 -11.02 -14.47
O3 GOL E . -17.21 -10.38 -13.20
H2 GOL E . -19.34 -11.13 -14.90
HO2 GOL E . -18.12 -13.12 -13.25
H31 GOL E . -17.18 -10.26 -15.24
H32 GOL E . -16.40 -11.68 -14.57
HO3 GOL E . -17.86 -9.65 -13.18
C FMT F . -11.65 -15.90 -20.93
O1 FMT F . -10.65 -16.54 -20.59
O2 FMT F . -11.93 -15.64 -22.11
PA NAP G . -5.62 -25.46 -20.30
O1A NAP G . -5.75 -25.76 -18.92
O2A NAP G . -4.30 -25.30 -20.79
O5B NAP G . -6.26 -26.66 -20.97
C5B NAP G . -6.33 -26.78 -22.34
C4B NAP G . -6.29 -28.22 -22.80
O4B NAP G . -6.30 -28.31 -24.18
C3B NAP G . -5.10 -29.06 -22.37
O3B NAP G . -5.09 -29.47 -21.05
C2B NAP G . -5.17 -30.20 -23.39
O2B NAP G . -5.95 -31.31 -22.98
C1B NAP G . -5.74 -29.51 -24.62
N9A NAP G . -4.64 -29.26 -25.60
C8A NAP G . -3.66 -28.44 -25.43
N7A NAP G . -2.84 -28.43 -26.45
C5A NAP G . -3.29 -29.28 -27.31
C6A NAP G . -2.85 -29.72 -28.62
N6A NAP G . -1.72 -29.20 -29.13
N1A NAP G . -3.56 -30.62 -29.23
C2A NAP G . -4.67 -31.12 -28.68
N3A NAP G . -5.15 -30.76 -27.49
C4A NAP G . -4.49 -29.86 -26.76
O3 NAP G . -6.43 -24.21 -20.74
PN NAP G . -7.78 -23.56 -20.17
O1N NAP G . -8.60 -24.66 -19.90
O2N NAP G . -7.51 -22.63 -19.14
O5D NAP G . -8.20 -22.76 -21.44
C5D NAP G . -8.44 -23.42 -22.63
C4D NAP G . -8.83 -22.49 -23.79
O4D NAP G . -10.05 -21.87 -23.59
C3D NAP G . -7.81 -21.39 -24.09
O3D NAP G . -7.74 -21.20 -25.44
C2D NAP G . -8.41 -20.17 -23.42
O2D NAP G . -8.01 -18.93 -23.93
C1D NAP G . -9.90 -20.45 -23.64
N1N NAP G . -10.91 -19.90 -22.74
C2N NAP G . -12.03 -19.46 -23.25
C3N NAP G . -13.07 -18.95 -22.53
C7N NAP G . -14.32 -18.46 -23.22
O7N NAP G . -15.00 -17.64 -22.76
N7N NAP G . -14.68 -19.03 -24.35
C4N NAP G . -12.93 -18.88 -21.18
C5N NAP G . -11.75 -19.35 -20.63
C6N NAP G . -10.77 -19.86 -21.46
P2B NAP G . -5.54 -32.81 -23.12
O1X NAP G . -4.27 -32.90 -22.44
O2X NAP G . -6.64 -33.51 -22.52
O3X NAP G . -5.38 -33.08 -24.53
H51A NAP G . -5.59 -26.30 -22.74
H52A NAP G . -7.15 -26.36 -22.66
H4B NAP G . -7.09 -28.58 -22.39
H3B NAP G . -4.26 -28.56 -22.37
HO3A NAP G . -4.69 -28.89 -20.58
H2B NAP G . -4.29 -30.62 -23.52
H1B NAP G . -6.41 -30.05 -25.06
H8A NAP G . -3.54 -27.91 -24.68
H61A NAP G . -1.28 -28.62 -28.69
H62A NAP G . -1.46 -29.45 -29.92
H2A NAP G . -5.14 -31.76 -29.16
H51N NAP G . -9.15 -24.08 -22.49
H52N NAP G . -7.64 -23.92 -22.87
H4D NAP G . -8.88 -23.11 -24.55
H3D NAP G . -6.91 -21.56 -23.77
HO3N NAP G . -7.01 -21.52 -25.74
H2D NAP G . -8.15 -20.07 -22.49
HO2N NAP G . -8.20 -18.31 -23.38
H1D NAP G . -10.09 -20.01 -24.48
H2N NAP G . -12.13 -19.51 -24.17
H71N NAP G . -14.19 -19.64 -24.69
H72N NAP G . -15.39 -18.77 -24.75
H4N NAP G . -13.60 -18.54 -20.63
H5N NAP G . -11.61 -19.33 -19.72
H6N NAP G . -9.98 -20.17 -21.09
C1 MLT H . -24.68 -6.28 -14.67
O1 MLT H . -23.74 -6.97 -15.10
O2 MLT H . -25.15 -6.52 -13.53
C2 MLT H . -25.27 -5.19 -15.52
O3 MLT H . -26.59 -4.92 -15.12
C3 MLT H . -25.25 -5.61 -16.98
C4 MLT H . -25.62 -4.46 -17.89
O4 MLT H . -25.55 -4.60 -19.13
O5 MLT H . -25.99 -3.35 -17.43
H2 MLT H . -24.65 -4.29 -15.42
HO3 MLT H . -27.20 -5.05 -15.88
H31 MLT H . -24.26 -5.98 -17.24
H32 MLT H . -25.96 -6.43 -17.13
ZN ZN I . 13.94 2.54 29.82
ZN ZN J . 13.90 17.61 14.22
C ACT K . 24.00 33.43 15.45
O ACT K . 22.96 33.91 14.93
OXT ACT K . 24.53 34.12 16.35
CH3 ACT K . 24.58 32.11 15.05
H1 ACT K . 23.96 31.68 14.25
H2 ACT K . 24.59 31.43 15.90
H3 ACT K . 25.59 32.26 14.68
#